data_1FDY
#
_entry.id   1FDY
#
_cell.length_a   121.000
_cell.length_b   121.000
_cell.length_c   196.820
_cell.angle_alpha   90.00
_cell.angle_beta   90.00
_cell.angle_gamma   120.00
#
_symmetry.space_group_name_H-M   'P 32 2 1'
#
loop_
_entity.id
_entity.type
_entity.pdbx_description
1 polymer 'N-ACETYLNEURAMINATE LYASE'
2 non-polymer '3-HYDROXYPYRUVIC ACID'
3 water water
#
_entity_poly.entity_id   1
_entity_poly.type   'polypeptide(L)'
_entity_poly.pdbx_seq_one_letter_code
;MATNLRGVMAALLTPFDQQQALDKASLRRLVQFNIQQGIDGLYVGGSTGEAFVQSLSEREQVLEIVAEEGKGKIKLIAHV
GCVTTAESQQLAASAKRYGFDAVSAVTPFYYPFSFEEHCDHYRAIIDSADGLPMVVYNIPALSGVKLTLDQINTLVTLPG
VGALKQTSGDLYQMEQIRREHPDLVLYNGYDEIFASGLLAGADGGIGSTYNIMGWRYQGIVKALKEGDIQTAQKLQTECN
KVIDLLIKTGVFRGLKTVLHYMDVVSVPLCRKPFGPVDEKYLPELKALAQQLMQERG
;
_entity_poly.pdbx_strand_id   A,B,C,D
#
loop_
_chem_comp.id
_chem_comp.type
_chem_comp.name
_chem_comp.formula
3PY non-polymer '3-HYDROXYPYRUVIC ACID' 'C3 H4 O4'
#
# COMPACT_ATOMS: atom_id res chain seq x y z
N ASN A 4 -30.87 -20.56 -3.87
CA ASN A 4 -30.49 -21.97 -4.04
C ASN A 4 -28.97 -22.09 -4.20
N LEU A 5 -28.28 -20.95 -4.21
CA LEU A 5 -26.84 -20.93 -4.33
C LEU A 5 -26.14 -20.74 -2.96
N ARG A 6 -26.92 -20.52 -1.91
CA ARG A 6 -26.38 -20.33 -0.55
C ARG A 6 -25.72 -21.65 -0.15
N GLY A 7 -24.62 -21.60 0.60
CA GLY A 7 -23.99 -22.83 1.02
C GLY A 7 -22.49 -22.83 1.10
N VAL A 8 -21.96 -24.02 1.45
CA VAL A 8 -20.53 -24.31 1.56
C VAL A 8 -20.10 -25.03 0.29
N MET A 9 -19.34 -24.34 -0.56
CA MET A 9 -18.92 -24.88 -1.85
C MET A 9 -17.40 -24.84 -2.06
N ALA A 10 -16.85 -25.94 -2.55
CA ALA A 10 -15.42 -26.03 -2.76
C ALA A 10 -14.91 -25.36 -4.02
N ALA A 11 -13.82 -24.60 -3.90
CA ALA A 11 -13.18 -23.97 -5.06
C ALA A 11 -12.33 -25.13 -5.66
N LEU A 12 -12.89 -25.77 -6.67
CA LEU A 12 -12.27 -26.91 -7.30
C LEU A 12 -10.89 -26.59 -7.88
N LEU A 13 -9.96 -27.55 -7.65
CA LEU A 13 -8.54 -27.54 -8.11
C LEU A 13 -8.50 -28.28 -9.44
N THR A 14 -7.57 -27.94 -10.34
CA THR A 14 -7.49 -28.74 -11.57
C THR A 14 -6.23 -29.60 -11.63
N PRO A 15 -6.40 -30.92 -11.50
CA PRO A 15 -5.29 -31.87 -11.55
C PRO A 15 -4.63 -31.86 -12.92
N PHE A 16 -3.30 -31.95 -12.93
CA PHE A 16 -2.53 -31.99 -14.16
C PHE A 16 -1.64 -33.24 -14.08
N ASP A 17 -1.15 -33.72 -15.23
CA ASP A 17 -0.29 -34.89 -15.23
C ASP A 17 1.18 -34.47 -15.10
N GLN A 18 2.08 -35.45 -15.10
CA GLN A 18 3.49 -35.17 -15.00
C GLN A 18 3.97 -34.19 -16.06
N GLN A 19 3.35 -34.22 -17.25
CA GLN A 19 3.72 -33.28 -18.31
C GLN A 19 2.95 -31.93 -18.33
N GLN A 20 2.19 -31.69 -17.27
CA GLN A 20 1.40 -30.47 -17.09
C GLN A 20 0.10 -30.38 -17.84
N ALA A 21 -0.30 -31.48 -18.46
CA ALA A 21 -1.57 -31.51 -19.15
C ALA A 21 -2.66 -31.85 -18.15
N LEU A 22 -3.91 -31.53 -18.48
CA LEU A 22 -5.02 -31.86 -17.57
C LEU A 22 -5.07 -33.37 -17.35
N ASP A 23 -5.37 -33.77 -16.14
CA ASP A 23 -5.45 -35.17 -15.79
C ASP A 23 -6.95 -35.35 -15.55
N LYS A 24 -7.68 -35.67 -16.61
CA LYS A 24 -9.14 -35.80 -16.55
C LYS A 24 -9.66 -36.82 -15.58
N ALA A 25 -9.00 -37.96 -15.52
CA ALA A 25 -9.42 -39.00 -14.60
C ALA A 25 -9.33 -38.50 -13.15
N SER A 26 -8.28 -37.75 -12.81
CA SER A 26 -8.16 -37.23 -11.47
C SER A 26 -9.17 -36.09 -11.25
N LEU A 27 -9.60 -35.42 -12.32
CA LEU A 27 -10.57 -34.34 -12.23
C LEU A 27 -11.85 -34.99 -11.73
N ARG A 28 -12.30 -35.96 -12.52
CA ARG A 28 -13.50 -36.72 -12.21
C ARG A 28 -13.39 -37.31 -10.81
N ARG A 29 -12.22 -37.87 -10.53
CA ARG A 29 -11.95 -38.48 -9.23
C ARG A 29 -12.08 -37.44 -8.12
N LEU A 30 -11.58 -36.22 -8.37
CA LEU A 30 -11.66 -35.13 -7.39
C LEU A 30 -13.09 -34.58 -7.26
N VAL A 31 -13.84 -34.53 -8.36
CA VAL A 31 -15.23 -34.08 -8.35
C VAL A 31 -16.02 -35.04 -7.45
N GLN A 32 -15.97 -36.32 -7.75
CA GLN A 32 -16.65 -37.31 -6.93
C GLN A 32 -16.27 -37.26 -5.44
N PHE A 33 -14.97 -37.12 -5.14
CA PHE A 33 -14.48 -37.03 -3.76
C PHE A 33 -15.16 -35.86 -3.05
N ASN A 34 -15.23 -34.72 -3.72
CA ASN A 34 -15.86 -33.59 -3.11
C ASN A 34 -17.34 -33.91 -2.85
N ILE A 35 -18.00 -34.53 -3.83
CA ILE A 35 -19.42 -34.90 -3.72
C ILE A 35 -19.64 -35.78 -2.51
N GLN A 36 -18.88 -36.88 -2.43
CA GLN A 36 -18.97 -37.83 -1.32
C GLN A 36 -18.66 -37.16 0.01
N GLN A 37 -17.95 -36.03 -0.06
CA GLN A 37 -17.56 -35.28 1.13
C GLN A 37 -18.72 -34.39 1.56
N GLY A 38 -19.85 -34.52 0.87
CA GLY A 38 -21.00 -33.74 1.23
C GLY A 38 -20.86 -32.23 1.18
N ILE A 39 -20.32 -31.74 0.07
CA ILE A 39 -20.14 -30.31 -0.14
C ILE A 39 -21.43 -29.88 -0.85
N ASP A 40 -21.78 -28.59 -0.83
CA ASP A 40 -23.00 -28.12 -1.49
C ASP A 40 -22.90 -27.92 -3.00
N GLY A 41 -21.70 -27.68 -3.47
CA GLY A 41 -21.51 -27.49 -4.89
C GLY A 41 -20.04 -27.22 -5.12
N LEU A 42 -19.72 -26.89 -6.37
CA LEU A 42 -18.34 -26.62 -6.77
C LEU A 42 -18.21 -25.34 -7.56
N TYR A 43 -17.11 -24.65 -7.31
CA TYR A 43 -16.78 -23.42 -8.00
C TYR A 43 -15.62 -23.87 -8.92
N VAL A 44 -15.88 -23.96 -10.22
CA VAL A 44 -14.86 -24.43 -11.16
C VAL A 44 -14.29 -23.39 -12.08
N GLY A 45 -12.97 -23.46 -12.31
CA GLY A 45 -12.28 -22.51 -13.16
C GLY A 45 -11.86 -21.19 -12.48
N GLY A 46 -11.87 -21.15 -11.15
CA GLY A 46 -11.48 -19.93 -10.47
C GLY A 46 -9.98 -19.87 -10.20
N SER A 47 -9.56 -19.01 -9.27
CA SER A 47 -8.15 -18.86 -8.92
C SER A 47 -7.56 -20.20 -8.48
N THR A 48 -8.30 -20.92 -7.65
CA THR A 48 -7.87 -22.21 -7.12
C THR A 48 -7.73 -23.21 -8.24
N GLY A 49 -8.52 -23.04 -9.27
CA GLY A 49 -8.43 -23.96 -10.38
C GLY A 49 -7.33 -23.62 -11.35
N GLU A 50 -6.42 -22.71 -11.01
CA GLU A 50 -5.34 -22.34 -11.94
C GLU A 50 -5.76 -21.95 -13.35
N ALA A 51 -6.92 -21.30 -13.43
CA ALA A 51 -7.50 -20.80 -14.68
C ALA A 51 -6.58 -19.83 -15.41
N PHE A 52 -5.94 -18.93 -14.68
CA PHE A 52 -5.09 -17.95 -15.33
C PHE A 52 -3.81 -18.53 -15.85
N VAL A 53 -3.67 -19.83 -15.66
CA VAL A 53 -2.49 -20.51 -16.16
C VAL A 53 -2.94 -21.53 -17.24
N GLN A 54 -4.23 -21.46 -17.63
CA GLN A 54 -4.85 -22.31 -18.67
C GLN A 54 -5.33 -21.42 -19.81
N SER A 55 -5.88 -22.06 -20.84
CA SER A 55 -6.39 -21.41 -22.04
C SER A 55 -7.85 -21.68 -22.02
N LEU A 56 -8.59 -20.81 -22.71
CA LEU A 56 -10.05 -20.89 -22.76
C LEU A 56 -10.50 -22.31 -23.04
N SER A 57 -10.02 -22.89 -24.12
CA SER A 57 -10.47 -24.23 -24.42
C SER A 57 -10.10 -25.20 -23.29
N GLU A 58 -9.01 -24.91 -22.56
CA GLU A 58 -8.61 -25.77 -21.44
C GLU A 58 -9.66 -25.67 -20.30
N ARG A 59 -10.09 -24.44 -20.03
CA ARG A 59 -11.09 -24.17 -19.03
C ARG A 59 -12.45 -24.71 -19.49
N GLU A 60 -12.72 -24.67 -20.79
CA GLU A 60 -13.98 -25.19 -21.31
C GLU A 60 -14.04 -26.68 -21.06
N GLN A 61 -12.93 -27.35 -21.31
CA GLN A 61 -12.83 -28.80 -21.11
C GLN A 61 -13.11 -29.21 -19.66
N VAL A 62 -12.49 -28.51 -18.73
CA VAL A 62 -12.68 -28.75 -17.32
C VAL A 62 -14.15 -28.56 -16.94
N LEU A 63 -14.75 -27.44 -17.35
CA LEU A 63 -16.17 -27.18 -17.05
C LEU A 63 -17.04 -28.33 -17.55
N GLU A 64 -16.77 -28.76 -18.79
CA GLU A 64 -17.53 -29.83 -19.44
C GLU A 64 -17.39 -31.17 -18.73
N ILE A 65 -16.18 -31.53 -18.33
CA ILE A 65 -16.00 -32.78 -17.61
C ILE A 65 -16.70 -32.78 -16.25
N VAL A 66 -16.64 -31.68 -15.50
CA VAL A 66 -17.30 -31.67 -14.18
C VAL A 66 -18.81 -31.56 -14.29
N ALA A 67 -19.29 -30.89 -15.33
CA ALA A 67 -20.73 -30.80 -15.52
C ALA A 67 -21.18 -32.26 -15.70
N GLU A 68 -20.45 -33.06 -16.51
CA GLU A 68 -20.78 -34.48 -16.70
C GLU A 68 -20.83 -35.19 -15.35
N GLU A 69 -19.80 -34.98 -14.55
CA GLU A 69 -19.71 -35.63 -13.26
C GLU A 69 -20.76 -35.17 -12.28
N GLY A 70 -20.98 -33.86 -12.20
CA GLY A 70 -21.91 -33.29 -11.24
C GLY A 70 -23.34 -33.13 -11.71
N LYS A 71 -23.77 -33.99 -12.63
CA LYS A 71 -25.13 -34.00 -13.20
C LYS A 71 -26.22 -33.68 -12.18
N GLY A 72 -26.38 -32.40 -11.86
CA GLY A 72 -27.38 -32.00 -10.89
C GLY A 72 -27.29 -32.84 -9.64
N LYS A 73 -26.08 -33.26 -9.30
CA LYS A 73 -25.86 -34.04 -8.11
C LYS A 73 -25.54 -33.02 -7.05
N ILE A 74 -24.95 -31.88 -7.46
CA ILE A 74 -24.62 -30.77 -6.56
C ILE A 74 -24.67 -29.45 -7.32
N LYS A 75 -24.54 -28.33 -6.60
CA LYS A 75 -24.57 -27.03 -7.26
C LYS A 75 -23.28 -26.80 -8.01
N LEU A 76 -23.37 -26.23 -9.20
CA LEU A 76 -22.24 -26.00 -10.08
C LEU A 76 -22.09 -24.55 -10.49
N ILE A 77 -20.97 -23.92 -10.12
CA ILE A 77 -20.71 -22.52 -10.49
C ILE A 77 -19.45 -22.48 -11.35
N ALA A 78 -19.57 -21.85 -12.51
CA ALA A 78 -18.47 -21.75 -13.45
C ALA A 78 -17.78 -20.42 -13.41
N HIS A 79 -16.55 -20.35 -12.89
CA HIS A 79 -15.82 -19.08 -12.94
C HIS A 79 -15.38 -18.97 -14.40
N VAL A 80 -15.94 -17.97 -15.04
CA VAL A 80 -15.83 -17.69 -16.43
C VAL A 80 -14.98 -16.44 -16.73
N GLY A 81 -14.55 -15.77 -15.68
CA GLY A 81 -13.79 -14.56 -15.83
C GLY A 81 -12.41 -14.62 -16.43
N CYS A 82 -12.16 -13.59 -17.24
CA CYS A 82 -10.88 -13.34 -17.87
C CYS A 82 -10.75 -11.82 -17.82
N VAL A 83 -9.61 -11.31 -18.27
CA VAL A 83 -9.43 -9.87 -18.30
C VAL A 83 -10.38 -9.40 -19.39
N THR A 84 -10.37 -10.11 -20.52
CA THR A 84 -11.19 -9.84 -21.71
C THR A 84 -12.66 -10.13 -21.54
N THR A 85 -13.51 -9.17 -21.86
CA THR A 85 -14.94 -9.42 -21.73
C THR A 85 -15.37 -10.48 -22.73
N ALA A 86 -14.82 -10.41 -23.95
CA ALA A 86 -15.21 -11.36 -24.97
C ALA A 86 -14.84 -12.79 -24.67
N GLU A 87 -13.70 -12.99 -24.01
CA GLU A 87 -13.26 -14.34 -23.66
C GLU A 87 -14.15 -14.84 -22.56
N SER A 88 -14.56 -13.93 -21.67
CA SER A 88 -15.43 -14.24 -20.53
C SER A 88 -16.83 -14.63 -21.03
N GLN A 89 -17.28 -13.94 -22.09
CA GLN A 89 -18.58 -14.22 -22.69
C GLN A 89 -18.62 -15.61 -23.29
N GLN A 90 -17.56 -15.96 -24.00
CA GLN A 90 -17.41 -17.30 -24.61
C GLN A 90 -17.48 -18.39 -23.56
N LEU A 91 -16.72 -18.22 -22.48
CA LEU A 91 -16.73 -19.17 -21.39
C LEU A 91 -18.15 -19.16 -20.74
N ALA A 92 -18.76 -17.97 -20.60
CA ALA A 92 -20.11 -17.87 -20.00
C ALA A 92 -21.13 -18.63 -20.84
N ALA A 93 -20.97 -18.55 -22.16
CA ALA A 93 -21.87 -19.25 -23.04
C ALA A 93 -21.68 -20.78 -22.97
N SER A 94 -20.44 -21.23 -22.78
CA SER A 94 -20.16 -22.67 -22.67
C SER A 94 -20.74 -23.18 -21.38
N ALA A 95 -20.55 -22.42 -20.31
CA ALA A 95 -21.09 -22.78 -19.00
C ALA A 95 -22.60 -23.03 -19.10
N LYS A 96 -23.32 -22.15 -19.80
CA LYS A 96 -24.75 -22.35 -19.97
C LYS A 96 -24.93 -23.66 -20.73
N ARG A 97 -24.24 -23.74 -21.86
CA ARG A 97 -24.29 -24.91 -22.71
C ARG A 97 -24.03 -26.23 -21.95
N TYR A 98 -23.11 -26.22 -20.98
CA TYR A 98 -22.80 -27.43 -20.19
C TYR A 98 -23.77 -27.68 -19.04
N GLY A 99 -24.69 -26.76 -18.82
CA GLY A 99 -25.66 -26.95 -17.75
C GLY A 99 -25.27 -26.57 -16.34
N PHE A 100 -24.42 -25.56 -16.19
CA PHE A 100 -24.01 -25.10 -14.88
C PHE A 100 -25.13 -24.28 -14.27
N ASP A 101 -25.12 -24.15 -12.94
CA ASP A 101 -26.15 -23.41 -12.20
C ASP A 101 -25.98 -21.90 -12.12
N ALA A 102 -24.74 -21.44 -12.10
CA ALA A 102 -24.41 -20.02 -12.01
C ALA A 102 -23.13 -19.78 -12.81
N VAL A 103 -22.82 -18.51 -13.03
CA VAL A 103 -21.64 -18.10 -13.76
C VAL A 103 -20.94 -17.13 -12.83
N SER A 104 -19.62 -17.03 -12.92
CA SER A 104 -18.90 -16.13 -12.02
C SER A 104 -17.74 -15.49 -12.76
N ALA A 105 -17.20 -14.41 -12.22
CA ALA A 105 -16.09 -13.72 -12.87
C ALA A 105 -15.41 -12.74 -11.92
N VAL A 106 -14.07 -12.74 -11.94
CA VAL A 106 -13.34 -11.82 -11.08
C VAL A 106 -13.42 -10.48 -11.72
N THR A 107 -13.20 -9.42 -10.95
CA THR A 107 -13.15 -8.10 -11.52
C THR A 107 -11.91 -8.16 -12.44
N PRO A 108 -12.04 -7.80 -13.76
CA PRO A 108 -10.89 -7.85 -14.69
C PRO A 108 -9.65 -7.17 -14.11
N PHE A 109 -8.49 -7.78 -14.30
CA PHE A 109 -7.26 -7.26 -13.73
C PHE A 109 -6.14 -6.82 -14.69
N TYR A 110 -5.00 -6.51 -14.09
CA TYR A 110 -3.78 -6.02 -14.73
C TYR A 110 -4.01 -4.58 -15.20
N TYR A 111 -4.80 -4.38 -16.26
CA TYR A 111 -5.07 -3.01 -16.74
C TYR A 111 -6.10 -2.39 -15.85
N PRO A 112 -5.85 -1.17 -15.37
CA PRO A 112 -6.85 -0.53 -14.51
C PRO A 112 -8.06 -0.16 -15.33
N PHE A 113 -9.24 -0.51 -14.83
CA PHE A 113 -10.49 -0.23 -15.50
C PHE A 113 -11.35 0.65 -14.62
N SER A 114 -12.33 1.34 -15.22
CA SER A 114 -13.21 2.21 -14.47
C SER A 114 -14.34 1.37 -13.93
N PHE A 115 -15.09 1.92 -12.98
CA PHE A 115 -16.21 1.19 -12.41
C PHE A 115 -17.23 0.86 -13.49
N GLU A 116 -17.51 1.82 -14.37
CA GLU A 116 -18.49 1.60 -15.46
C GLU A 116 -17.99 0.48 -16.37
N GLU A 117 -16.68 0.50 -16.64
CA GLU A 117 -16.09 -0.56 -17.47
C GLU A 117 -16.31 -1.92 -16.83
N HIS A 118 -16.25 -1.94 -15.50
CA HIS A 118 -16.49 -3.15 -14.71
C HIS A 118 -17.97 -3.57 -14.75
N CYS A 119 -18.89 -2.60 -14.64
CA CYS A 119 -20.31 -2.90 -14.68
C CYS A 119 -20.72 -3.38 -16.06
N ASP A 120 -20.17 -2.77 -17.10
CA ASP A 120 -20.51 -3.22 -18.45
C ASP A 120 -20.00 -4.63 -18.66
N HIS A 121 -18.81 -4.91 -18.13
CA HIS A 121 -18.17 -6.21 -18.21
C HIS A 121 -19.09 -7.28 -17.65
N TYR A 122 -19.59 -7.07 -16.45
CA TYR A 122 -20.48 -8.04 -15.83
C TYR A 122 -21.78 -8.22 -16.58
N ARG A 123 -22.29 -7.14 -17.15
CA ARG A 123 -23.53 -7.22 -17.89
C ARG A 123 -23.38 -8.08 -19.16
N ALA A 124 -22.36 -7.80 -19.96
CA ALA A 124 -22.08 -8.56 -21.17
C ALA A 124 -21.96 -10.05 -20.85
N ILE A 125 -21.28 -10.37 -19.76
CA ILE A 125 -21.11 -11.75 -19.35
C ILE A 125 -22.49 -12.27 -18.92
N ILE A 126 -23.18 -11.51 -18.08
CA ILE A 126 -24.50 -11.87 -17.61
C ILE A 126 -25.37 -12.09 -18.85
N ASP A 127 -25.06 -11.31 -19.87
CA ASP A 127 -25.76 -11.34 -21.13
C ASP A 127 -25.49 -12.68 -21.86
N SER A 128 -24.22 -13.07 -21.92
CA SER A 128 -23.84 -14.32 -22.56
C SER A 128 -24.15 -15.57 -21.75
N ALA A 129 -24.36 -15.45 -20.46
CA ALA A 129 -24.70 -16.60 -19.62
C ALA A 129 -26.11 -17.07 -19.97
N ASP A 130 -26.92 -16.16 -20.52
CA ASP A 130 -28.27 -16.49 -20.94
C ASP A 130 -29.13 -17.16 -19.87
N GLY A 131 -29.32 -16.45 -18.76
CA GLY A 131 -30.14 -16.97 -17.69
C GLY A 131 -29.46 -17.46 -16.42
N LEU A 132 -28.18 -17.82 -16.48
CA LEU A 132 -27.48 -18.28 -15.29
C LEU A 132 -27.11 -17.06 -14.47
N PRO A 133 -27.42 -17.08 -13.16
CA PRO A 133 -27.08 -15.93 -12.32
C PRO A 133 -25.59 -15.69 -12.25
N MET A 134 -25.21 -14.47 -11.90
CA MET A 134 -23.81 -14.12 -11.80
C MET A 134 -23.38 -13.89 -10.37
N VAL A 135 -22.31 -14.58 -9.96
CA VAL A 135 -21.74 -14.45 -8.63
C VAL A 135 -20.56 -13.50 -8.84
N VAL A 136 -20.76 -12.23 -8.51
CA VAL A 136 -19.70 -11.25 -8.64
C VAL A 136 -18.59 -11.78 -7.72
N TYR A 137 -17.36 -11.72 -8.20
CA TYR A 137 -16.21 -12.25 -7.46
C TYR A 137 -15.25 -11.14 -7.06
N ASN A 138 -15.15 -10.96 -5.75
CA ASN A 138 -14.31 -9.91 -5.17
C ASN A 138 -13.08 -10.44 -4.37
N ILE A 139 -11.88 -10.25 -4.92
CA ILE A 139 -10.65 -10.69 -4.26
C ILE A 139 -9.55 -9.61 -4.46
N PRO A 140 -9.63 -8.52 -3.69
CA PRO A 140 -8.72 -7.38 -3.75
C PRO A 140 -7.27 -7.76 -3.73
N ALA A 141 -6.95 -8.73 -2.88
CA ALA A 141 -5.59 -9.18 -2.70
C ALA A 141 -4.95 -9.66 -3.97
N LEU A 142 -5.74 -10.26 -4.85
CA LEU A 142 -5.19 -10.76 -6.09
C LEU A 142 -5.48 -9.85 -7.27
N SER A 143 -6.72 -9.42 -7.42
CA SER A 143 -7.03 -8.58 -8.56
C SER A 143 -6.40 -7.23 -8.47
N GLY A 144 -6.15 -6.78 -7.25
CA GLY A 144 -5.60 -5.44 -7.08
C GLY A 144 -6.68 -4.39 -7.33
N VAL A 145 -7.92 -4.82 -7.48
CA VAL A 145 -9.03 -3.90 -7.72
C VAL A 145 -9.64 -3.62 -6.35
N LYS A 146 -9.68 -2.33 -6.00
CA LYS A 146 -10.22 -1.92 -4.71
C LYS A 146 -11.63 -1.30 -4.83
N LEU A 147 -12.65 -2.16 -4.85
CA LEU A 147 -14.04 -1.69 -4.95
C LEU A 147 -14.49 -1.10 -3.61
N THR A 148 -15.44 -0.18 -3.70
CA THR A 148 -15.99 0.45 -2.53
C THR A 148 -17.31 -0.24 -2.24
N LEU A 149 -17.83 -0.04 -1.03
CA LEU A 149 -19.09 -0.66 -0.61
C LEU A 149 -20.16 -0.26 -1.58
N ASP A 150 -20.15 1.03 -1.94
CA ASP A 150 -21.15 1.51 -2.87
C ASP A 150 -20.93 0.94 -4.25
N GLN A 151 -19.68 0.71 -4.64
CA GLN A 151 -19.41 0.11 -5.93
C GLN A 151 -19.89 -1.33 -5.88
N ILE A 152 -19.67 -1.99 -4.76
CA ILE A 152 -20.11 -3.38 -4.57
C ILE A 152 -21.64 -3.44 -4.62
N ASN A 153 -22.28 -2.50 -3.93
CA ASN A 153 -23.74 -2.43 -3.90
C ASN A 153 -24.31 -2.36 -5.29
N THR A 154 -23.75 -1.49 -6.12
CA THR A 154 -24.21 -1.31 -7.48
C THR A 154 -24.09 -2.62 -8.21
N LEU A 155 -22.91 -3.22 -8.12
CA LEU A 155 -22.65 -4.50 -8.78
C LEU A 155 -23.63 -5.55 -8.36
N VAL A 156 -23.79 -5.69 -7.06
CA VAL A 156 -24.66 -6.70 -6.49
C VAL A 156 -26.15 -6.52 -6.80
N THR A 157 -26.55 -5.31 -7.18
CA THR A 157 -27.95 -5.04 -7.51
C THR A 157 -28.16 -5.17 -9.01
N LEU A 158 -27.06 -5.17 -9.75
CA LEU A 158 -27.06 -5.29 -11.19
C LEU A 158 -27.91 -6.50 -11.64
N PRO A 159 -28.88 -6.28 -12.53
CA PRO A 159 -29.72 -7.38 -13.02
C PRO A 159 -28.88 -8.56 -13.48
N GLY A 160 -29.25 -9.76 -13.06
CA GLY A 160 -28.48 -10.94 -13.42
C GLY A 160 -27.56 -11.37 -12.29
N VAL A 161 -27.08 -10.42 -11.51
CA VAL A 161 -26.21 -10.73 -10.40
C VAL A 161 -26.99 -11.43 -9.28
N GLY A 162 -26.55 -12.62 -8.89
CA GLY A 162 -27.27 -13.33 -7.83
C GLY A 162 -26.47 -13.67 -6.59
N ALA A 163 -25.18 -13.36 -6.58
CA ALA A 163 -24.34 -13.69 -5.42
C ALA A 163 -23.08 -12.86 -5.42
N LEU A 164 -22.40 -12.84 -4.29
CA LEU A 164 -21.16 -12.10 -4.13
C LEU A 164 -20.18 -13.03 -3.46
N LYS A 165 -19.01 -13.21 -4.07
CA LYS A 165 -17.97 -14.03 -3.46
C LYS A 165 -17.01 -13.03 -2.79
N GLN A 166 -17.14 -12.90 -1.48
CA GLN A 166 -16.34 -11.95 -0.72
C GLN A 166 -14.99 -12.47 -0.29
N THR A 167 -13.97 -12.33 -1.15
CA THR A 167 -12.64 -12.79 -0.72
C THR A 167 -11.86 -11.63 -0.13
N SER A 168 -12.33 -11.21 1.04
CA SER A 168 -11.78 -10.08 1.77
C SER A 168 -11.90 -10.36 3.26
N GLY A 169 -10.89 -9.86 4.00
CA GLY A 169 -10.88 -10.03 5.44
C GLY A 169 -11.62 -8.95 6.21
N ASP A 170 -12.07 -7.91 5.51
CA ASP A 170 -12.82 -6.81 6.12
C ASP A 170 -14.22 -7.26 6.53
N LEU A 171 -14.39 -7.62 7.80
CA LEU A 171 -15.70 -8.08 8.25
C LEU A 171 -16.66 -6.96 8.59
N TYR A 172 -16.15 -5.73 8.57
CA TYR A 172 -17.00 -4.57 8.80
C TYR A 172 -17.74 -4.46 7.46
N GLN A 173 -16.99 -4.46 6.36
CA GLN A 173 -17.62 -4.40 5.07
C GLN A 173 -18.58 -5.58 4.86
N MET A 174 -18.21 -6.77 5.36
CA MET A 174 -19.07 -7.95 5.23
C MET A 174 -20.40 -7.69 5.95
N GLU A 175 -20.30 -7.09 7.14
CA GLU A 175 -21.48 -6.76 7.93
C GLU A 175 -22.37 -5.78 7.16
N GLN A 176 -21.78 -4.68 6.72
CA GLN A 176 -22.48 -3.67 5.96
C GLN A 176 -23.16 -4.18 4.68
N ILE A 177 -22.53 -5.13 3.98
CA ILE A 177 -23.12 -5.64 2.74
C ILE A 177 -24.34 -6.47 3.06
N ARG A 178 -24.26 -7.21 4.16
CA ARG A 178 -25.36 -8.03 4.59
C ARG A 178 -26.45 -7.08 5.04
N ARG A 179 -26.08 -6.06 5.79
CA ARG A 179 -27.05 -5.09 6.25
C ARG A 179 -27.80 -4.53 5.03
N GLU A 180 -27.05 -4.07 4.06
CA GLU A 180 -27.64 -3.55 2.86
C GLU A 180 -28.41 -4.62 2.09
N HIS A 181 -27.95 -5.87 2.12
CA HIS A 181 -28.64 -6.91 1.35
C HIS A 181 -28.89 -8.13 2.18
N PRO A 182 -29.98 -8.12 2.95
CA PRO A 182 -30.42 -9.18 3.84
C PRO A 182 -30.65 -10.55 3.23
N ASP A 183 -30.90 -10.61 1.92
CA ASP A 183 -31.14 -11.87 1.25
C ASP A 183 -30.04 -12.26 0.28
N LEU A 184 -28.98 -11.46 0.20
CA LEU A 184 -27.87 -11.73 -0.72
C LEU A 184 -27.10 -12.99 -0.38
N VAL A 185 -26.84 -13.86 -1.36
CA VAL A 185 -26.02 -15.05 -1.10
C VAL A 185 -24.62 -14.45 -0.96
N LEU A 186 -24.12 -14.42 0.26
CA LEU A 186 -22.84 -13.84 0.56
C LEU A 186 -21.90 -14.97 0.92
N TYR A 187 -20.89 -15.20 0.10
CA TYR A 187 -19.95 -16.27 0.39
C TYR A 187 -18.70 -15.63 0.93
N ASN A 188 -18.19 -16.23 1.98
CA ASN A 188 -16.96 -15.80 2.63
C ASN A 188 -15.83 -16.50 1.82
N GLY A 189 -14.85 -15.71 1.37
CA GLY A 189 -13.74 -16.23 0.59
C GLY A 189 -12.48 -16.68 1.31
N TYR A 190 -12.21 -16.13 2.49
CA TYR A 190 -11.03 -16.54 3.26
C TYR A 190 -11.39 -17.57 4.31
N ASP A 191 -11.08 -18.83 4.03
CA ASP A 191 -11.36 -19.95 4.93
C ASP A 191 -10.84 -19.72 6.34
N GLU A 192 -9.69 -19.06 6.45
CA GLU A 192 -9.04 -18.75 7.74
C GLU A 192 -9.91 -17.96 8.73
N ILE A 193 -10.96 -17.35 8.21
CA ILE A 193 -11.89 -16.56 9.01
C ILE A 193 -13.33 -16.99 8.76
N PHE A 194 -13.52 -18.18 8.23
CA PHE A 194 -14.88 -18.65 7.91
C PHE A 194 -15.90 -18.38 9.04
N ALA A 195 -15.60 -18.81 10.26
CA ALA A 195 -16.53 -18.61 11.38
C ALA A 195 -16.87 -17.14 11.61
N SER A 196 -15.87 -16.25 11.62
CA SER A 196 -16.09 -14.80 11.79
C SER A 196 -16.80 -14.15 10.61
N GLY A 197 -16.55 -14.63 9.40
CA GLY A 197 -17.22 -14.06 8.24
C GLY A 197 -18.68 -14.42 8.28
N LEU A 198 -18.97 -15.61 8.80
CA LEU A 198 -20.35 -16.07 8.92
C LEU A 198 -21.07 -15.25 9.99
N LEU A 199 -20.48 -15.16 11.17
CA LEU A 199 -21.07 -14.39 12.24
C LEU A 199 -21.36 -12.97 11.74
N ALA A 200 -20.46 -12.42 10.93
CA ALA A 200 -20.61 -11.07 10.38
C ALA A 200 -21.72 -10.92 9.37
N GLY A 201 -22.17 -12.02 8.76
CA GLY A 201 -23.21 -11.90 7.78
C GLY A 201 -23.06 -12.79 6.56
N ALA A 202 -21.89 -13.38 6.36
CA ALA A 202 -21.72 -14.28 5.23
C ALA A 202 -22.70 -15.44 5.46
N ASP A 203 -23.39 -15.88 4.43
CA ASP A 203 -24.31 -17.00 4.66
C ASP A 203 -23.78 -18.34 4.14
N GLY A 204 -22.49 -18.36 3.81
CA GLY A 204 -21.86 -19.58 3.31
C GLY A 204 -20.42 -19.28 2.94
N GLY A 205 -19.84 -20.10 2.06
CA GLY A 205 -18.46 -19.85 1.69
C GLY A 205 -17.98 -20.64 0.49
N ILE A 206 -16.91 -20.18 -0.13
CA ILE A 206 -16.30 -20.87 -1.28
C ILE A 206 -14.80 -20.91 -0.95
N GLY A 207 -14.21 -22.09 -0.85
CA GLY A 207 -12.80 -22.10 -0.50
C GLY A 207 -12.01 -23.26 -1.04
N SER A 208 -10.70 -23.05 -1.16
CA SER A 208 -9.82 -24.08 -1.70
C SER A 208 -9.58 -25.24 -0.75
N THR A 209 -9.55 -24.95 0.56
CA THR A 209 -9.31 -26.00 1.53
C THR A 209 -10.51 -26.92 1.73
N TYR A 210 -11.66 -26.55 1.17
CA TYR A 210 -12.85 -27.37 1.31
C TYR A 210 -12.61 -28.70 0.62
N ASN A 211 -11.69 -28.69 -0.33
CA ASN A 211 -11.35 -29.90 -1.08
C ASN A 211 -10.91 -31.04 -0.15
N ILE A 212 -10.20 -30.71 0.93
CA ILE A 212 -9.71 -31.74 1.86
C ILE A 212 -10.43 -31.84 3.23
N MET A 213 -11.25 -30.87 3.58
CA MET A 213 -11.95 -30.91 4.86
C MET A 213 -13.22 -30.10 4.79
N GLY A 214 -13.97 -30.26 3.72
CA GLY A 214 -15.22 -29.54 3.57
C GLY A 214 -16.20 -29.79 4.71
N TRP A 215 -16.07 -30.93 5.36
CA TRP A 215 -16.95 -31.23 6.48
C TRP A 215 -16.72 -30.31 7.70
N ARG A 216 -15.49 -29.85 7.93
CA ARG A 216 -15.24 -28.99 9.10
C ARG A 216 -15.99 -27.69 8.96
N TYR A 217 -16.04 -27.21 7.72
CA TYR A 217 -16.70 -25.97 7.35
C TYR A 217 -18.20 -26.15 7.44
N GLN A 218 -18.67 -27.34 7.11
CA GLN A 218 -20.09 -27.62 7.21
C GLN A 218 -20.41 -27.67 8.71
N GLY A 219 -19.44 -28.15 9.49
CA GLY A 219 -19.59 -28.28 10.92
C GLY A 219 -19.68 -26.96 11.67
N ILE A 220 -18.84 -26.02 11.27
CA ILE A 220 -18.82 -24.69 11.87
C ILE A 220 -20.21 -24.10 11.62
N VAL A 221 -20.74 -24.31 10.43
CA VAL A 221 -22.04 -23.79 10.10
C VAL A 221 -23.08 -24.33 11.08
N LYS A 222 -23.10 -25.63 11.31
CA LYS A 222 -24.09 -26.22 12.23
C LYS A 222 -23.82 -25.69 13.62
N ALA A 223 -22.55 -25.74 14.03
CA ALA A 223 -22.17 -25.28 15.34
C ALA A 223 -22.77 -23.91 15.64
N LEU A 224 -22.65 -22.98 14.70
CA LEU A 224 -23.22 -21.65 14.88
C LEU A 224 -24.76 -21.69 14.83
N LYS A 225 -25.32 -22.45 13.90
CA LYS A 225 -26.78 -22.54 13.77
C LYS A 225 -27.35 -22.92 15.12
N GLU A 226 -26.67 -23.82 15.82
CA GLU A 226 -27.12 -24.28 17.13
C GLU A 226 -26.48 -23.54 18.28
N GLY A 227 -25.95 -22.36 17.99
CA GLY A 227 -25.32 -21.57 19.03
C GLY A 227 -24.18 -22.26 19.75
N ASP A 228 -23.68 -23.36 19.21
CA ASP A 228 -22.56 -24.05 19.82
C ASP A 228 -21.28 -23.35 19.36
N ILE A 229 -21.11 -22.08 19.74
CA ILE A 229 -19.92 -21.35 19.33
C ILE A 229 -18.63 -21.99 19.86
N GLN A 230 -18.75 -22.81 20.90
CA GLN A 230 -17.61 -23.48 21.49
C GLN A 230 -16.99 -24.41 20.47
N THR A 231 -17.77 -25.28 19.83
CA THR A 231 -17.16 -26.19 18.84
C THR A 231 -16.88 -25.43 17.58
N ALA A 232 -17.63 -24.35 17.34
CA ALA A 232 -17.43 -23.52 16.16
C ALA A 232 -15.96 -23.08 16.18
N GLN A 233 -15.51 -22.67 17.35
CA GLN A 233 -14.14 -22.24 17.52
C GLN A 233 -13.11 -23.37 17.32
N LYS A 234 -13.34 -24.51 17.95
CA LYS A 234 -12.43 -25.65 17.83
C LYS A 234 -12.27 -26.06 16.35
N LEU A 235 -13.36 -26.10 15.59
CA LEU A 235 -13.32 -26.46 14.17
C LEU A 235 -12.48 -25.46 13.39
N GLN A 236 -12.68 -24.18 13.66
CA GLN A 236 -11.94 -23.13 12.99
C GLN A 236 -10.47 -23.17 13.31
N THR A 237 -10.09 -23.51 14.54
CA THR A 237 -8.66 -23.55 14.80
C THR A 237 -8.06 -24.80 14.19
N GLU A 238 -8.87 -25.85 14.06
CA GLU A 238 -8.38 -27.07 13.43
C GLU A 238 -8.15 -26.78 11.93
N CYS A 239 -9.04 -25.97 11.36
CA CYS A 239 -8.95 -25.55 9.97
C CYS A 239 -7.72 -24.66 9.82
N ASN A 240 -7.51 -23.77 10.78
CA ASN A 240 -6.37 -22.86 10.75
C ASN A 240 -5.01 -23.55 10.93
N LYS A 241 -4.96 -24.59 11.76
CA LYS A 241 -3.71 -25.31 11.92
C LYS A 241 -3.32 -25.87 10.53
N VAL A 242 -4.31 -26.24 9.75
CA VAL A 242 -4.10 -26.78 8.40
C VAL A 242 -3.67 -25.69 7.43
N ILE A 243 -4.44 -24.60 7.40
CA ILE A 243 -4.16 -23.46 6.53
C ILE A 243 -2.78 -22.91 6.80
N ASP A 244 -2.34 -22.96 8.06
CA ASP A 244 -0.99 -22.49 8.42
C ASP A 244 0.04 -23.28 7.58
N LEU A 245 -0.06 -24.62 7.59
CA LEU A 245 0.84 -25.48 6.84
C LEU A 245 0.73 -25.24 5.31
N LEU A 246 -0.50 -25.16 4.81
CA LEU A 246 -0.74 -24.94 3.40
C LEU A 246 -0.11 -23.63 2.92
N ILE A 247 -0.12 -22.60 3.77
CA ILE A 247 0.49 -21.36 3.36
C ILE A 247 2.01 -21.52 3.28
N LYS A 248 2.59 -22.31 4.19
CA LYS A 248 4.05 -22.58 4.20
C LYS A 248 4.46 -23.26 2.88
N THR A 249 3.74 -24.33 2.57
CA THR A 249 4.03 -25.13 1.38
C THR A 249 3.56 -24.55 0.07
N GLY A 250 2.50 -23.76 0.13
CA GLY A 250 1.87 -23.22 -1.07
C GLY A 250 0.53 -23.92 -1.00
N VAL A 251 -0.55 -23.15 -0.99
CA VAL A 251 -1.89 -23.73 -0.86
C VAL A 251 -2.30 -24.71 -1.93
N PHE A 252 -2.35 -24.30 -3.20
CA PHE A 252 -2.79 -25.24 -4.25
C PHE A 252 -1.97 -26.53 -4.22
N ARG A 253 -0.65 -26.41 -4.32
CA ARG A 253 0.21 -27.58 -4.32
C ARG A 253 0.08 -28.37 -3.05
N GLY A 254 -0.04 -27.70 -1.91
CA GLY A 254 -0.19 -28.41 -0.65
C GLY A 254 -1.43 -29.28 -0.67
N LEU A 255 -2.54 -28.70 -1.12
CA LEU A 255 -3.82 -29.38 -1.24
C LEU A 255 -3.71 -30.56 -2.17
N LYS A 256 -3.17 -30.32 -3.37
CA LYS A 256 -3.03 -31.41 -4.34
C LYS A 256 -2.20 -32.50 -3.73
N THR A 257 -1.18 -32.13 -2.95
CA THR A 257 -0.31 -33.08 -2.26
C THR A 257 -1.05 -33.95 -1.25
N VAL A 258 -1.88 -33.33 -0.42
CA VAL A 258 -2.68 -34.06 0.57
C VAL A 258 -3.62 -35.03 -0.20
N LEU A 259 -4.32 -34.48 -1.21
CA LEU A 259 -5.27 -35.19 -2.07
C LEU A 259 -4.61 -36.31 -2.85
N HIS A 260 -3.33 -36.14 -3.12
CA HIS A 260 -2.60 -37.15 -3.85
C HIS A 260 -2.28 -38.30 -2.87
N TYR A 261 -1.92 -37.93 -1.64
CA TYR A 261 -1.64 -38.93 -0.64
C TYR A 261 -2.93 -39.65 -0.26
N MET A 262 -4.09 -39.05 -0.56
CA MET A 262 -5.39 -39.69 -0.29
C MET A 262 -5.84 -40.48 -1.54
N ASP A 263 -4.92 -40.70 -2.49
CA ASP A 263 -5.17 -41.43 -3.74
C ASP A 263 -6.21 -40.84 -4.67
N VAL A 264 -6.54 -39.59 -4.42
CA VAL A 264 -7.51 -38.89 -5.25
C VAL A 264 -6.83 -38.28 -6.49
N VAL A 265 -5.72 -37.58 -6.26
CA VAL A 265 -4.99 -36.91 -7.34
C VAL A 265 -3.72 -37.64 -7.66
N SER A 266 -3.55 -37.99 -8.94
CA SER A 266 -2.37 -38.75 -9.39
C SER A 266 -1.04 -38.02 -9.34
N VAL A 267 -1.05 -36.74 -9.70
CA VAL A 267 0.17 -35.94 -9.72
C VAL A 267 -0.12 -34.63 -8.94
N PRO A 268 0.60 -34.38 -7.84
CA PRO A 268 0.42 -33.19 -7.01
C PRO A 268 0.99 -31.90 -7.56
N LEU A 269 1.06 -31.78 -8.88
CA LEU A 269 1.63 -30.61 -9.51
C LEU A 269 0.67 -29.51 -9.92
N CYS A 270 1.22 -28.30 -9.95
CA CYS A 270 0.57 -27.07 -10.37
C CYS A 270 1.38 -26.70 -11.64
N ARG A 271 0.79 -26.01 -12.61
CA ARG A 271 1.50 -25.63 -13.83
C ARG A 271 2.53 -24.56 -13.53
N LYS A 272 3.68 -24.60 -14.20
CA LYS A 272 4.69 -23.57 -13.95
C LYS A 272 4.05 -22.22 -14.34
N PRO A 273 4.53 -21.09 -13.78
CA PRO A 273 5.63 -20.87 -12.82
C PRO A 273 5.52 -21.39 -11.37
N PHE A 274 4.41 -22.04 -10.99
CA PHE A 274 4.35 -22.64 -9.67
C PHE A 274 5.36 -23.78 -9.72
N GLY A 275 6.22 -23.87 -8.72
CA GLY A 275 7.21 -24.93 -8.67
C GLY A 275 6.65 -26.04 -7.82
N PRO A 276 7.40 -27.10 -7.57
CA PRO A 276 6.87 -28.18 -6.75
C PRO A 276 7.00 -27.89 -5.26
N VAL A 277 6.34 -28.70 -4.43
CA VAL A 277 6.41 -28.56 -2.98
C VAL A 277 7.80 -29.01 -2.46
N ASP A 278 8.34 -28.24 -1.54
CA ASP A 278 9.64 -28.50 -0.89
C ASP A 278 9.58 -29.84 -0.17
N GLU A 279 10.51 -30.75 -0.47
CA GLU A 279 10.54 -32.07 0.14
C GLU A 279 10.33 -32.03 1.64
N LYS A 280 10.92 -31.02 2.28
CA LYS A 280 10.85 -30.90 3.72
C LYS A 280 9.46 -30.90 4.33
N TYR A 281 8.47 -30.54 3.53
CA TYR A 281 7.09 -30.46 4.02
C TYR A 281 6.31 -31.74 3.83
N LEU A 282 6.88 -32.67 3.07
CA LEU A 282 6.23 -33.93 2.78
C LEU A 282 5.82 -34.70 4.05
N PRO A 283 6.67 -34.71 5.10
CA PRO A 283 6.36 -35.42 6.35
C PRO A 283 5.09 -34.87 7.00
N GLU A 284 4.91 -33.56 6.97
CA GLU A 284 3.71 -32.97 7.54
C GLU A 284 2.46 -33.19 6.71
N LEU A 285 2.62 -33.11 5.38
CA LEU A 285 1.50 -33.31 4.45
C LEU A 285 1.01 -34.77 4.43
N LYS A 286 1.94 -35.73 4.60
CA LYS A 286 1.60 -37.15 4.64
C LYS A 286 0.80 -37.43 5.91
N ALA A 287 1.25 -36.85 7.00
CA ALA A 287 0.58 -36.99 8.29
C ALA A 287 -0.82 -36.34 8.23
N LEU A 288 -0.90 -35.12 7.72
CA LEU A 288 -2.17 -34.43 7.57
C LEU A 288 -3.15 -35.30 6.77
N ALA A 289 -2.68 -35.87 5.66
CA ALA A 289 -3.49 -36.73 4.80
C ALA A 289 -3.94 -37.96 5.58
N GLN A 290 -3.08 -38.42 6.49
CA GLN A 290 -3.38 -39.57 7.34
C GLN A 290 -4.51 -39.26 8.27
N GLN A 291 -4.35 -38.22 9.07
CA GLN A 291 -5.38 -37.84 10.01
C GLN A 291 -6.70 -37.39 9.43
N LEU A 292 -6.69 -36.67 8.32
CA LEU A 292 -7.95 -36.24 7.72
C LEU A 292 -8.70 -37.52 7.33
N MET A 293 -7.97 -38.51 6.80
CA MET A 293 -8.58 -39.78 6.44
C MET A 293 -9.06 -40.51 7.70
N GLN A 294 -8.25 -40.45 8.76
CA GLN A 294 -8.59 -41.07 10.03
C GLN A 294 -9.95 -40.54 10.41
N GLU A 295 -10.15 -39.22 10.30
CA GLU A 295 -11.43 -38.57 10.62
C GLU A 295 -12.57 -39.11 9.76
N ASN B 4 14.18 34.34 -3.36
CA ASN B 4 15.42 34.40 -2.59
C ASN B 4 15.49 33.32 -1.51
N LEU B 5 14.59 32.34 -1.60
CA LEU B 5 14.59 31.22 -0.68
C LEU B 5 15.16 30.01 -1.44
N ARG B 6 15.44 30.22 -2.73
CA ARG B 6 15.97 29.18 -3.61
C ARG B 6 17.41 28.87 -3.28
N GLY B 7 17.77 27.60 -3.28
CA GLY B 7 19.13 27.26 -2.99
C GLY B 7 19.24 25.87 -2.45
N VAL B 8 20.40 25.58 -1.87
CA VAL B 8 20.67 24.27 -1.31
C VAL B 8 20.73 24.51 0.19
N MET B 9 19.73 24.00 0.90
CA MET B 9 19.59 24.14 2.35
C MET B 9 19.80 22.81 3.09
N ALA B 10 20.73 22.80 4.04
CA ALA B 10 20.98 21.59 4.83
C ALA B 10 19.84 21.40 5.79
N ALA B 11 19.37 20.16 5.91
CA ALA B 11 18.32 19.83 6.86
C ALA B 11 19.20 19.51 8.09
N LEU B 12 19.31 20.49 8.98
CA LEU B 12 20.17 20.42 10.15
C LEU B 12 19.87 19.33 11.20
N LEU B 13 20.92 18.69 11.70
CA LEU B 13 20.84 17.66 12.73
C LEU B 13 21.00 18.38 14.08
N THR B 14 20.48 17.80 15.16
CA THR B 14 20.61 18.41 16.48
C THR B 14 21.42 17.49 17.36
N PRO B 15 22.66 17.86 17.64
CA PRO B 15 23.59 17.09 18.48
C PRO B 15 23.10 16.98 19.92
N PHE B 16 23.28 15.80 20.51
CA PHE B 16 22.91 15.55 21.89
C PHE B 16 24.17 15.12 22.63
N ASP B 17 24.12 15.17 23.96
CA ASP B 17 25.25 14.78 24.81
C ASP B 17 25.03 13.32 25.24
N GLN B 18 25.90 12.80 26.10
CA GLN B 18 25.75 11.43 26.59
C GLN B 18 24.45 11.24 27.35
N GLN B 19 23.89 12.31 27.91
CA GLN B 19 22.65 12.20 28.65
C GLN B 19 21.45 12.35 27.75
N GLN B 20 21.69 12.49 26.45
CA GLN B 20 20.64 12.66 25.46
C GLN B 20 20.00 14.02 25.60
N ALA B 21 20.85 15.02 25.74
CA ALA B 21 20.43 16.37 25.91
C ALA B 21 21.22 17.21 24.92
N LEU B 22 20.60 18.25 24.35
CA LEU B 22 21.28 19.07 23.37
C LEU B 22 22.70 19.36 23.79
N ASP B 23 23.60 19.18 22.83
CA ASP B 23 25.01 19.45 22.97
C ASP B 23 25.05 20.80 22.24
N LYS B 24 24.70 21.85 22.96
CA LYS B 24 24.67 23.18 22.37
C LYS B 24 25.99 23.58 21.72
N ALA B 25 27.09 23.11 22.30
CA ALA B 25 28.40 23.46 21.79
C ALA B 25 28.67 22.82 20.45
N SER B 26 28.05 21.67 20.21
CA SER B 26 28.24 20.95 18.94
C SER B 26 27.23 21.47 17.94
N LEU B 27 26.08 21.93 18.42
CA LEU B 27 25.03 22.50 17.58
C LEU B 27 25.68 23.71 16.92
N ARG B 28 26.28 24.58 17.74
CA ARG B 28 26.94 25.74 17.18
C ARG B 28 28.02 25.33 16.18
N ARG B 29 28.74 24.25 16.50
CA ARG B 29 29.83 23.76 15.65
C ARG B 29 29.29 23.21 14.33
N LEU B 30 28.10 22.61 14.38
CA LEU B 30 27.45 22.08 13.21
C LEU B 30 26.95 23.24 12.33
N VAL B 31 26.38 24.27 12.97
CA VAL B 31 25.87 25.44 12.28
C VAL B 31 26.99 26.09 11.47
N GLN B 32 28.10 26.34 12.14
CA GLN B 32 29.27 26.96 11.50
C GLN B 32 29.84 26.08 10.37
N PHE B 33 29.98 24.79 10.64
CA PHE B 33 30.51 23.80 9.70
C PHE B 33 29.76 23.97 8.40
N ASN B 34 28.45 23.90 8.49
CA ASN B 34 27.58 24.04 7.32
C ASN B 34 27.80 25.33 6.57
N ILE B 35 27.91 26.42 7.32
CA ILE B 35 28.12 27.71 6.70
C ILE B 35 29.40 27.73 5.85
N GLN B 36 30.50 27.25 6.44
CA GLN B 36 31.80 27.21 5.79
C GLN B 36 31.85 26.29 4.57
N GLN B 37 30.93 25.34 4.51
CA GLN B 37 30.89 24.44 3.37
C GLN B 37 30.05 25.08 2.26
N GLY B 38 29.77 26.36 2.43
CA GLY B 38 29.01 27.10 1.43
C GLY B 38 27.55 26.69 1.23
N ILE B 39 26.86 26.43 2.31
CA ILE B 39 25.47 26.05 2.15
C ILE B 39 24.69 27.36 1.95
N ASP B 40 23.48 27.30 1.42
CA ASP B 40 22.69 28.49 1.20
C ASP B 40 21.82 28.88 2.40
N GLY B 41 21.55 27.92 3.27
CA GLY B 41 20.70 28.22 4.42
C GLY B 41 20.53 26.95 5.19
N LEU B 42 19.72 26.99 6.24
CA LEU B 42 19.47 25.81 7.08
C LEU B 42 18.00 25.64 7.39
N TYR B 43 17.53 24.41 7.22
CA TYR B 43 16.16 24.06 7.53
C TYR B 43 16.31 23.47 8.95
N VAL B 44 15.90 24.22 9.95
CA VAL B 44 16.08 23.73 11.30
C VAL B 44 14.80 23.20 11.98
N GLY B 45 14.97 22.19 12.82
CA GLY B 45 13.84 21.61 13.52
C GLY B 45 13.00 20.68 12.68
N GLY B 46 13.58 20.11 11.64
CA GLY B 46 12.80 19.19 10.84
C GLY B 46 12.87 17.74 11.34
N SER B 47 12.56 16.83 10.42
CA SER B 47 12.62 15.38 10.67
C SER B 47 14.07 15.00 10.99
N THR B 48 14.99 15.59 10.23
CA THR B 48 16.41 15.36 10.40
C THR B 48 16.87 15.83 11.78
N GLY B 49 16.24 16.88 12.29
CA GLY B 49 16.61 17.38 13.59
C GLY B 49 15.95 16.63 14.73
N GLU B 50 15.32 15.50 14.43
CA GLU B 50 14.70 14.74 15.53
C GLU B 50 13.67 15.55 16.33
N ALA B 51 13.08 16.53 15.66
CA ALA B 51 12.07 17.40 16.25
C ALA B 51 10.92 16.61 16.87
N PHE B 52 10.54 15.50 16.23
CA PHE B 52 9.44 14.68 16.72
C PHE B 52 9.72 13.82 17.97
N VAL B 53 10.96 13.87 18.41
CA VAL B 53 11.36 13.15 19.60
C VAL B 53 11.84 14.26 20.57
N GLN B 54 11.29 15.46 20.37
CA GLN B 54 11.62 16.64 21.17
C GLN B 54 10.38 17.34 21.71
N SER B 55 10.64 18.26 22.64
CA SER B 55 9.60 19.05 23.28
C SER B 55 9.67 20.42 22.60
N LEU B 56 8.56 21.16 22.60
CA LEU B 56 8.55 22.49 21.97
C LEU B 56 9.69 23.31 22.52
N SER B 57 9.81 23.35 23.84
CA SER B 57 10.87 24.11 24.47
C SER B 57 12.23 23.66 23.95
N GLU B 58 12.39 22.36 23.71
CA GLU B 58 13.66 21.83 23.20
C GLU B 58 13.88 22.36 21.82
N ARG B 59 12.81 22.33 21.02
CA ARG B 59 12.81 22.84 19.65
C ARG B 59 13.01 24.36 19.61
N GLU B 60 12.38 25.08 20.54
CA GLU B 60 12.51 26.54 20.63
C GLU B 60 13.97 26.87 20.97
N GLN B 61 14.59 26.06 21.82
CA GLN B 61 15.97 26.27 22.19
C GLN B 61 16.89 26.08 20.99
N VAL B 62 16.69 24.99 20.25
CA VAL B 62 17.51 24.76 19.06
C VAL B 62 17.31 25.96 18.12
N LEU B 63 16.06 26.38 17.92
CA LEU B 63 15.76 27.52 17.04
C LEU B 63 16.59 28.75 17.42
N GLU B 64 16.55 29.11 18.71
CA GLU B 64 17.26 30.26 19.22
C GLU B 64 18.78 30.19 19.05
N ILE B 65 19.38 29.06 19.39
CA ILE B 65 20.83 28.95 19.26
C ILE B 65 21.30 29.10 17.81
N VAL B 66 20.61 28.49 16.85
CA VAL B 66 21.05 28.63 15.46
C VAL B 66 20.80 30.04 14.93
N ALA B 67 19.69 30.67 15.33
CA ALA B 67 19.45 32.04 14.91
C ALA B 67 20.60 32.91 15.43
N GLU B 68 21.01 32.69 16.67
CA GLU B 68 22.12 33.43 17.28
C GLU B 68 23.36 33.12 16.47
N GLU B 69 23.47 31.87 16.09
CA GLU B 69 24.59 31.39 15.32
C GLU B 69 24.64 31.83 13.86
N GLY B 70 23.49 32.00 13.23
CA GLY B 70 23.53 32.32 11.81
C GLY B 70 22.57 33.32 11.26
N LYS B 71 21.76 33.98 12.09
CA LYS B 71 20.83 34.97 11.55
C LYS B 71 21.65 36.02 10.80
N GLY B 72 21.35 36.16 9.51
CA GLY B 72 22.08 37.12 8.70
C GLY B 72 23.14 36.49 7.82
N LYS B 73 23.83 35.46 8.33
CA LYS B 73 24.87 34.77 7.59
C LYS B 73 24.30 33.91 6.44
N ILE B 74 23.16 33.25 6.68
CA ILE B 74 22.51 32.42 5.67
C ILE B 74 21.02 32.51 5.89
N LYS B 75 20.26 31.84 5.03
CA LYS B 75 18.81 31.85 5.14
C LYS B 75 18.45 30.85 6.18
N LEU B 76 17.40 31.14 6.93
CA LEU B 76 16.98 30.27 8.00
C LEU B 76 15.52 30.01 7.87
N ILE B 77 15.20 28.72 7.80
CA ILE B 77 13.85 28.25 7.64
C ILE B 77 13.63 27.43 8.91
N ALA B 78 12.52 27.66 9.60
CA ALA B 78 12.23 26.92 10.83
C ALA B 78 11.09 25.96 10.62
N HIS B 79 11.33 24.68 10.89
CA HIS B 79 10.26 23.70 10.78
C HIS B 79 9.56 23.77 12.13
N VAL B 80 8.33 24.17 12.05
CA VAL B 80 7.52 24.44 13.19
C VAL B 80 6.42 23.42 13.38
N GLY B 81 6.28 22.53 12.41
CA GLY B 81 5.24 21.53 12.42
C GLY B 81 5.18 20.57 13.60
N CYS B 82 3.95 20.30 14.01
CA CYS B 82 3.60 19.42 15.08
C CYS B 82 2.29 18.87 14.59
N VAL B 83 1.78 17.83 15.21
CA VAL B 83 0.49 17.28 14.82
C VAL B 83 -0.62 18.26 15.21
N THR B 84 -0.34 19.07 16.24
CA THR B 84 -1.27 20.06 16.75
C THR B 84 -1.05 21.42 16.12
N THR B 85 -2.13 22.08 15.72
CA THR B 85 -2.02 23.42 15.14
C THR B 85 -1.45 24.41 16.19
N ALA B 86 -2.03 24.40 17.38
CA ALA B 86 -1.61 25.32 18.44
C ALA B 86 -0.14 25.23 18.85
N GLU B 87 0.40 24.02 18.89
CA GLU B 87 1.80 23.82 19.25
C GLU B 87 2.67 24.43 18.14
N SER B 88 2.24 24.18 16.90
CA SER B 88 2.91 24.67 15.70
C SER B 88 2.91 26.22 15.68
N GLN B 89 1.76 26.82 15.98
CA GLN B 89 1.61 28.27 16.03
C GLN B 89 2.58 28.83 17.06
N GLN B 90 2.72 28.15 18.20
CA GLN B 90 3.65 28.59 19.24
C GLN B 90 5.05 28.65 18.64
N LEU B 91 5.50 27.53 18.09
CA LEU B 91 6.80 27.40 17.44
C LEU B 91 6.96 28.43 16.31
N ALA B 92 5.87 28.69 15.58
CA ALA B 92 5.86 29.66 14.48
C ALA B 92 6.17 31.03 15.03
N ALA B 93 5.46 31.39 16.11
CA ALA B 93 5.66 32.68 16.78
C ALA B 93 7.09 32.94 17.32
N SER B 94 7.79 31.89 17.78
CA SER B 94 9.16 32.05 18.28
C SER B 94 10.11 32.22 17.11
N ALA B 95 9.87 31.48 16.03
CA ALA B 95 10.69 31.57 14.81
C ALA B 95 10.72 33.02 14.35
N LYS B 96 9.54 33.65 14.32
CA LYS B 96 9.39 35.05 13.92
C LYS B 96 10.20 35.91 14.89
N ARG B 97 9.93 35.72 16.18
CA ARG B 97 10.61 36.42 17.26
C ARG B 97 12.12 36.19 17.28
N TYR B 98 12.61 35.05 16.78
CA TYR B 98 14.04 34.79 16.75
C TYR B 98 14.69 35.29 15.47
N GLY B 99 13.87 35.65 14.48
CA GLY B 99 14.46 36.17 13.26
C GLY B 99 14.72 35.21 12.12
N PHE B 100 13.88 34.19 12.00
CA PHE B 100 14.04 33.25 10.90
C PHE B 100 13.47 33.85 9.63
N ASP B 101 14.03 33.47 8.49
CA ASP B 101 13.57 34.02 7.21
C ASP B 101 12.22 33.46 6.73
N ALA B 102 11.96 32.20 7.03
CA ALA B 102 10.71 31.58 6.62
C ALA B 102 10.38 30.56 7.66
N VAL B 103 9.20 29.98 7.51
CA VAL B 103 8.70 29.00 8.46
C VAL B 103 8.26 27.80 7.64
N SER B 104 8.10 26.64 8.28
CA SER B 104 7.69 25.43 7.56
C SER B 104 6.90 24.45 8.43
N ALA B 105 6.14 23.54 7.83
CA ALA B 105 5.38 22.58 8.63
C ALA B 105 4.97 21.32 7.86
N VAL B 106 5.18 20.14 8.46
CA VAL B 106 4.82 18.89 7.79
C VAL B 106 3.32 18.87 7.79
N THR B 107 2.74 18.05 6.93
CA THR B 107 1.30 17.91 6.93
C THR B 107 1.08 17.14 8.24
N PRO B 108 0.17 17.62 9.10
CA PRO B 108 -0.07 16.92 10.37
C PRO B 108 -0.42 15.44 10.17
N PHE B 109 0.30 14.59 10.91
CA PHE B 109 0.16 13.14 10.82
C PHE B 109 -0.59 12.40 11.94
N TYR B 110 -0.37 11.07 11.96
CA TYR B 110 -0.99 10.12 12.87
C TYR B 110 -2.50 10.12 12.71
N TYR B 111 -3.18 11.16 13.19
CA TYR B 111 -4.64 11.22 13.02
C TYR B 111 -4.97 11.60 11.59
N PRO B 112 -6.00 10.97 11.02
CA PRO B 112 -6.37 11.34 9.65
C PRO B 112 -7.20 12.63 9.60
N PHE B 113 -6.75 13.62 8.81
CA PHE B 113 -7.41 14.94 8.67
C PHE B 113 -7.87 15.20 7.25
N SER B 114 -9.00 15.88 7.11
CA SER B 114 -9.51 16.21 5.80
C SER B 114 -8.59 17.28 5.21
N PHE B 115 -8.73 17.51 3.91
CA PHE B 115 -7.89 18.52 3.27
C PHE B 115 -8.14 19.92 3.84
N GLU B 116 -9.40 20.29 4.03
CA GLU B 116 -9.71 21.63 4.60
C GLU B 116 -9.04 21.81 5.94
N GLU B 117 -8.93 20.70 6.67
CA GLU B 117 -8.34 20.72 7.99
C GLU B 117 -6.88 20.96 7.81
N HIS B 118 -6.33 20.38 6.75
CA HIS B 118 -4.93 20.58 6.46
C HIS B 118 -4.65 22.03 6.09
N CYS B 119 -5.54 22.61 5.28
CA CYS B 119 -5.41 24.00 4.83
C CYS B 119 -5.64 24.96 5.99
N ASP B 120 -6.64 24.68 6.81
CA ASP B 120 -6.92 25.54 7.95
C ASP B 120 -5.71 25.48 8.88
N HIS B 121 -5.08 24.31 8.96
CA HIS B 121 -3.89 24.10 9.81
C HIS B 121 -2.75 25.03 9.38
N TYR B 122 -2.47 25.07 8.08
CA TYR B 122 -1.41 25.91 7.54
C TYR B 122 -1.73 27.39 7.70
N ARG B 123 -2.99 27.75 7.50
CA ARG B 123 -3.45 29.14 7.61
C ARG B 123 -3.10 29.70 8.98
N ALA B 124 -3.46 28.94 10.01
CA ALA B 124 -3.21 29.29 11.41
C ALA B 124 -1.74 29.47 11.68
N ILE B 125 -0.94 28.53 11.21
CA ILE B 125 0.50 28.60 11.41
C ILE B 125 1.07 29.82 10.68
N ILE B 126 0.60 30.03 9.45
CA ILE B 126 1.02 31.14 8.61
C ILE B 126 0.72 32.49 9.29
N ASP B 127 -0.43 32.52 9.95
CA ASP B 127 -0.87 33.68 10.70
C ASP B 127 0.13 33.96 11.86
N SER B 128 0.29 32.98 12.74
CA SER B 128 1.19 33.11 13.88
C SER B 128 2.62 33.42 13.51
N ALA B 129 3.04 33.05 12.29
CA ALA B 129 4.40 33.32 11.80
C ALA B 129 4.61 34.82 11.57
N ASP B 130 3.50 35.57 11.58
CA ASP B 130 3.53 37.03 11.48
C ASP B 130 4.33 37.61 10.32
N GLY B 131 3.94 37.29 9.09
CA GLY B 131 4.62 37.81 7.91
C GLY B 131 5.61 36.87 7.25
N LEU B 132 6.15 35.91 7.98
CA LEU B 132 7.14 34.95 7.45
C LEU B 132 6.55 34.01 6.41
N PRO B 133 7.21 33.88 5.25
CA PRO B 133 6.68 32.99 4.23
C PRO B 133 6.75 31.56 4.71
N MET B 134 5.70 30.83 4.38
CA MET B 134 5.53 29.45 4.78
C MET B 134 5.98 28.46 3.73
N VAL B 135 6.63 27.41 4.19
CA VAL B 135 7.13 26.32 3.33
C VAL B 135 6.35 25.04 3.60
N VAL B 136 5.33 24.75 2.79
CA VAL B 136 4.57 23.52 2.93
C VAL B 136 5.58 22.35 2.84
N TYR B 137 5.49 21.40 3.76
CA TYR B 137 6.41 20.25 3.81
C TYR B 137 5.67 18.96 3.48
N ASN B 138 5.99 18.40 2.31
CA ASN B 138 5.38 17.18 1.81
C ASN B 138 6.28 15.95 1.79
N ILE B 139 6.02 15.03 2.70
CA ILE B 139 6.78 13.78 2.88
C ILE B 139 5.78 12.64 3.20
N PRO B 140 5.08 12.15 2.18
CA PRO B 140 4.06 11.10 2.27
C PRO B 140 4.47 9.79 2.93
N ALA B 141 5.72 9.40 2.71
CA ALA B 141 6.28 8.16 3.27
C ALA B 141 6.37 8.20 4.78
N LEU B 142 6.58 9.39 5.35
CA LEU B 142 6.65 9.50 6.79
C LEU B 142 5.41 10.11 7.40
N SER B 143 4.67 10.89 6.62
CA SER B 143 3.49 11.54 7.13
C SER B 143 2.30 10.63 6.97
N GLY B 144 2.31 9.80 5.94
CA GLY B 144 1.17 8.94 5.72
C GLY B 144 0.08 9.72 5.02
N VAL B 145 0.39 10.98 4.71
CA VAL B 145 -0.55 11.83 4.01
C VAL B 145 -0.24 11.80 2.52
N LYS B 146 -1.23 11.33 1.75
CA LYS B 146 -1.11 11.20 0.30
C LYS B 146 -1.95 12.24 -0.47
N LEU B 147 -1.44 13.47 -0.52
CA LEU B 147 -2.10 14.59 -1.18
C LEU B 147 -2.08 14.45 -2.71
N THR B 148 -3.14 14.93 -3.35
CA THR B 148 -3.22 14.90 -4.79
C THR B 148 -2.47 16.11 -5.34
N LEU B 149 -2.36 16.21 -6.66
CA LEU B 149 -1.67 17.35 -7.26
C LEU B 149 -2.50 18.61 -7.04
N ASP B 150 -3.80 18.51 -7.30
CA ASP B 150 -4.73 19.62 -7.15
C ASP B 150 -4.64 20.18 -5.72
N GLN B 151 -4.54 19.28 -4.74
CA GLN B 151 -4.44 19.64 -3.34
C GLN B 151 -3.14 20.36 -3.12
N ILE B 152 -2.07 19.83 -3.72
CA ILE B 152 -0.75 20.43 -3.60
C ILE B 152 -0.75 21.83 -4.22
N ASN B 153 -1.47 22.00 -5.31
CA ASN B 153 -1.55 23.30 -5.94
C ASN B 153 -2.31 24.25 -5.00
N THR B 154 -3.42 23.78 -4.43
CA THR B 154 -4.23 24.59 -3.51
C THR B 154 -3.39 25.06 -2.33
N LEU B 155 -2.71 24.13 -1.65
CA LEU B 155 -1.87 24.49 -0.52
C LEU B 155 -0.80 25.48 -0.94
N VAL B 156 -0.14 25.16 -2.04
CA VAL B 156 0.94 25.96 -2.54
C VAL B 156 0.51 27.38 -2.89
N THR B 157 -0.77 27.56 -3.18
CA THR B 157 -1.26 28.86 -3.54
C THR B 157 -1.91 29.63 -2.38
N LEU B 158 -1.99 28.99 -1.22
CA LEU B 158 -2.54 29.59 -0.02
C LEU B 158 -1.75 30.88 0.28
N PRO B 159 -2.43 31.98 0.67
CA PRO B 159 -1.72 33.22 0.97
C PRO B 159 -0.74 33.09 2.12
N GLY B 160 0.47 33.60 1.91
CA GLY B 160 1.51 33.52 2.92
C GLY B 160 2.52 32.42 2.67
N VAL B 161 2.16 31.45 1.81
CA VAL B 161 3.02 30.31 1.49
C VAL B 161 4.05 30.71 0.44
N GLY B 162 5.33 30.46 0.71
CA GLY B 162 6.33 30.86 -0.25
C GLY B 162 7.19 29.79 -0.88
N ALA B 163 6.94 28.51 -0.59
CA ALA B 163 7.75 27.43 -1.16
C ALA B 163 7.20 26.09 -0.82
N LEU B 164 7.73 25.07 -1.48
CA LEU B 164 7.30 23.71 -1.21
C LEU B 164 8.51 22.87 -1.02
N LYS B 165 8.51 22.07 0.05
CA LYS B 165 9.60 21.11 0.24
C LYS B 165 9.04 19.73 -0.22
N GLN B 166 9.44 19.29 -1.42
CA GLN B 166 8.98 18.04 -2.00
C GLN B 166 9.79 16.82 -1.64
N THR B 167 9.44 16.14 -0.57
CA THR B 167 10.14 14.91 -0.23
C THR B 167 9.27 13.76 -0.78
N SER B 168 9.41 13.57 -2.10
CA SER B 168 8.73 12.55 -2.87
C SER B 168 9.68 12.30 -4.02
N GLY B 169 9.77 11.06 -4.46
CA GLY B 169 10.63 10.75 -5.56
C GLY B 169 9.84 10.66 -6.84
N ASP B 170 8.64 11.21 -6.83
CA ASP B 170 7.75 11.22 -8.00
C ASP B 170 8.14 12.42 -8.85
N LEU B 171 9.02 12.20 -9.81
CA LEU B 171 9.52 13.29 -10.65
C LEU B 171 8.59 13.71 -11.78
N TYR B 172 7.48 12.99 -11.93
CA TYR B 172 6.49 13.36 -12.94
C TYR B 172 5.67 14.46 -12.24
N GLN B 173 5.40 14.24 -10.95
CA GLN B 173 4.68 15.23 -10.16
C GLN B 173 5.57 16.46 -9.88
N MET B 174 6.88 16.27 -9.78
CA MET B 174 7.78 17.39 -9.58
C MET B 174 7.65 18.36 -10.75
N GLU B 175 7.66 17.84 -11.97
CA GLU B 175 7.56 18.73 -13.11
C GLU B 175 6.18 19.30 -13.29
N GLN B 176 5.14 18.52 -12.95
CA GLN B 176 3.75 18.97 -13.04
C GLN B 176 3.56 20.21 -12.19
N ILE B 177 4.05 20.13 -10.95
CA ILE B 177 4.03 21.22 -9.98
C ILE B 177 4.75 22.44 -10.59
N ARG B 178 5.97 22.22 -11.06
CA ARG B 178 6.76 23.26 -11.70
C ARG B 178 6.07 23.89 -12.92
N ARG B 179 5.44 23.06 -13.76
CA ARG B 179 4.77 23.56 -14.96
C ARG B 179 3.61 24.44 -14.56
N GLU B 180 3.00 24.12 -13.42
CA GLU B 180 1.86 24.86 -12.91
C GLU B 180 2.27 26.09 -12.16
N HIS B 181 3.44 26.05 -11.54
CA HIS B 181 3.94 27.15 -10.74
C HIS B 181 5.38 27.52 -11.08
N PRO B 182 5.59 28.23 -12.19
CA PRO B 182 6.94 28.60 -12.58
C PRO B 182 7.67 29.49 -11.65
N ASP B 183 6.98 30.08 -10.68
CA ASP B 183 7.69 30.96 -9.76
C ASP B 183 7.94 30.34 -8.40
N LEU B 184 7.24 29.25 -8.12
CA LEU B 184 7.34 28.53 -6.85
C LEU B 184 8.75 28.05 -6.56
N VAL B 185 9.17 28.20 -5.31
CA VAL B 185 10.47 27.73 -4.86
C VAL B 185 10.20 26.26 -4.54
N LEU B 186 10.78 25.36 -5.35
CA LEU B 186 10.59 23.92 -5.22
C LEU B 186 11.84 23.21 -4.69
N TYR B 187 11.79 22.69 -3.46
CA TYR B 187 12.97 21.99 -2.96
C TYR B 187 12.83 20.49 -3.13
N ASN B 188 13.88 19.90 -3.69
CA ASN B 188 13.97 18.45 -3.87
C ASN B 188 14.26 17.87 -2.47
N GLY B 189 13.33 17.09 -1.95
CA GLY B 189 13.53 16.50 -0.64
C GLY B 189 14.34 15.19 -0.54
N TYR B 190 14.48 14.44 -1.63
CA TYR B 190 15.24 13.18 -1.61
C TYR B 190 16.63 13.31 -2.15
N ASP B 191 17.63 13.34 -1.28
CA ASP B 191 19.02 13.51 -1.71
C ASP B 191 19.47 12.56 -2.82
N GLU B 192 18.95 11.33 -2.76
CA GLU B 192 19.26 10.26 -3.73
C GLU B 192 18.91 10.57 -5.18
N ILE B 193 18.04 11.54 -5.40
CA ILE B 193 17.61 11.89 -6.75
C ILE B 193 17.78 13.36 -7.08
N PHE B 194 18.64 14.05 -6.34
CA PHE B 194 18.87 15.49 -6.54
C PHE B 194 19.04 15.97 -8.00
N ALA B 195 20.01 15.42 -8.72
CA ALA B 195 20.23 15.82 -10.11
C ALA B 195 18.95 15.65 -10.91
N SER B 196 18.32 14.47 -10.82
CA SER B 196 17.07 14.17 -11.54
C SER B 196 15.90 15.06 -11.12
N GLY B 197 15.84 15.38 -9.82
CA GLY B 197 14.79 16.23 -9.29
C GLY B 197 14.91 17.62 -9.84
N LEU B 198 16.13 18.16 -9.87
CA LEU B 198 16.33 19.49 -10.45
C LEU B 198 15.88 19.46 -11.92
N LEU B 199 16.41 18.51 -12.70
CA LEU B 199 16.01 18.39 -14.10
C LEU B 199 14.48 18.36 -14.22
N ALA B 200 13.80 17.77 -13.25
CA ALA B 200 12.35 17.69 -13.30
C ALA B 200 11.66 19.02 -13.03
N GLY B 201 12.34 19.96 -12.39
CA GLY B 201 11.71 21.24 -12.13
C GLY B 201 12.09 21.86 -10.80
N ALA B 202 12.81 21.13 -9.95
CA ALA B 202 13.22 21.65 -8.64
C ALA B 202 14.31 22.70 -8.80
N ASP B 203 14.30 23.72 -7.96
CA ASP B 203 15.32 24.74 -8.06
C ASP B 203 16.22 24.83 -6.85
N GLY B 204 16.22 23.75 -6.06
CA GLY B 204 17.04 23.67 -4.88
C GLY B 204 16.71 22.39 -4.18
N GLY B 205 17.21 22.22 -2.97
CA GLY B 205 16.90 21.02 -2.24
C GLY B 205 17.14 21.26 -0.77
N ILE B 206 16.53 20.46 0.07
CA ILE B 206 16.74 20.53 1.51
C ILE B 206 17.04 19.05 1.81
N GLY B 207 18.22 18.75 2.33
CA GLY B 207 18.51 17.37 2.63
C GLY B 207 19.40 17.17 3.82
N SER B 208 19.19 16.09 4.55
CA SER B 208 19.99 15.73 5.72
C SER B 208 21.44 15.42 5.40
N THR B 209 21.74 14.85 4.21
CA THR B 209 23.13 14.52 3.87
C THR B 209 23.95 15.77 3.47
N TYR B 210 23.27 16.90 3.27
CA TYR B 210 24.02 18.10 2.95
C TYR B 210 25.00 18.42 4.10
N ASN B 211 24.57 18.22 5.34
CA ASN B 211 25.39 18.44 6.54
C ASN B 211 26.86 18.04 6.36
N ILE B 212 27.10 16.89 5.73
CA ILE B 212 28.47 16.37 5.53
C ILE B 212 29.09 16.52 4.14
N MET B 213 28.31 16.85 3.11
CA MET B 213 28.88 17.00 1.76
C MET B 213 28.02 17.90 0.91
N GLY B 214 27.57 18.99 1.53
CA GLY B 214 26.72 19.95 0.84
C GLY B 214 27.36 20.49 -0.40
N TRP B 215 28.68 20.62 -0.40
CA TRP B 215 29.39 21.12 -1.56
C TRP B 215 29.08 20.38 -2.87
N ARG B 216 28.92 19.06 -2.79
CA ARG B 216 28.62 18.21 -3.96
C ARG B 216 27.29 18.57 -4.58
N TYR B 217 26.32 18.92 -3.75
CA TYR B 217 25.00 19.27 -4.23
C TYR B 217 25.03 20.61 -4.93
N GLN B 218 25.87 21.50 -4.42
CA GLN B 218 26.02 22.81 -5.03
C GLN B 218 26.75 22.57 -6.37
N GLY B 219 27.72 21.67 -6.34
CA GLY B 219 28.45 21.33 -7.55
C GLY B 219 27.50 20.78 -8.59
N ILE B 220 26.59 19.90 -8.17
CA ILE B 220 25.62 19.33 -9.10
C ILE B 220 24.81 20.47 -9.69
N VAL B 221 24.51 21.48 -8.86
CA VAL B 221 23.76 22.64 -9.34
C VAL B 221 24.58 23.41 -10.38
N LYS B 222 25.85 23.63 -10.09
CA LYS B 222 26.71 24.34 -11.03
C LYS B 222 26.73 23.58 -12.34
N ALA B 223 27.03 22.27 -12.29
CA ALA B 223 27.13 21.43 -13.49
C ALA B 223 25.88 21.48 -14.38
N LEU B 224 24.72 21.22 -13.81
CA LEU B 224 23.50 21.26 -14.59
C LEU B 224 23.31 22.68 -15.16
N LYS B 225 23.70 23.67 -14.38
CA LYS B 225 23.62 25.06 -14.80
C LYS B 225 24.59 25.30 -15.96
N GLU B 226 25.76 24.65 -15.91
CA GLU B 226 26.78 24.81 -16.94
C GLU B 226 26.65 23.79 -18.08
N GLY B 227 25.55 23.06 -18.11
CA GLY B 227 25.38 22.05 -19.16
C GLY B 227 26.38 20.90 -19.12
N ASP B 228 26.94 20.64 -17.95
CA ASP B 228 27.89 19.55 -17.81
C ASP B 228 27.21 18.44 -17.06
N ILE B 229 26.23 17.80 -17.70
CA ILE B 229 25.48 16.73 -17.04
C ILE B 229 26.41 15.56 -16.66
N GLN B 230 27.50 15.44 -17.39
CA GLN B 230 28.47 14.39 -17.14
C GLN B 230 29.06 14.47 -15.73
N THR B 231 29.38 15.66 -15.25
CA THR B 231 29.96 15.74 -13.91
C THR B 231 28.87 15.80 -12.87
N ALA B 232 27.66 16.12 -13.33
CA ALA B 232 26.51 16.17 -12.45
C ALA B 232 26.20 14.74 -12.05
N GLN B 233 26.13 13.85 -13.04
CA GLN B 233 25.86 12.43 -12.78
C GLN B 233 26.90 11.90 -11.81
N LYS B 234 28.16 12.13 -12.14
CA LYS B 234 29.26 11.68 -11.33
C LYS B 234 29.06 12.17 -9.91
N LEU B 235 28.66 13.42 -9.73
CA LEU B 235 28.45 13.93 -8.38
C LEU B 235 27.33 13.17 -7.68
N GLN B 236 26.23 12.94 -8.40
CA GLN B 236 25.11 12.18 -7.81
C GLN B 236 25.46 10.74 -7.38
N THR B 237 26.23 10.00 -8.18
CA THR B 237 26.61 8.63 -7.83
C THR B 237 27.50 8.65 -6.62
N GLU B 238 28.39 9.63 -6.53
CA GLU B 238 29.25 9.76 -5.35
C GLU B 238 28.38 10.01 -4.13
N CYS B 239 27.40 10.90 -4.27
CA CYS B 239 26.47 11.18 -3.20
C CYS B 239 25.66 9.91 -2.89
N ASN B 240 25.34 9.12 -3.92
CA ASN B 240 24.56 7.91 -3.70
C ASN B 240 25.33 6.78 -3.04
N LYS B 241 26.64 6.69 -3.27
CA LYS B 241 27.40 5.65 -2.60
C LYS B 241 27.35 5.94 -1.10
N VAL B 242 27.40 7.23 -0.75
CA VAL B 242 27.34 7.66 0.65
C VAL B 242 25.97 7.24 1.19
N ILE B 243 24.93 7.61 0.46
CA ILE B 243 23.58 7.30 0.86
C ILE B 243 23.34 5.81 1.05
N ASP B 244 23.97 4.98 0.22
CA ASP B 244 23.82 3.53 0.37
C ASP B 244 24.32 3.13 1.74
N LEU B 245 25.48 3.66 2.12
CA LEU B 245 26.06 3.38 3.44
C LEU B 245 25.20 3.88 4.61
N LEU B 246 24.81 5.15 4.58
CA LEU B 246 24.02 5.76 5.64
C LEU B 246 22.71 5.02 5.82
N ILE B 247 22.11 4.57 4.73
CA ILE B 247 20.87 3.84 4.87
C ILE B 247 21.16 2.53 5.59
N LYS B 248 22.37 2.00 5.48
CA LYS B 248 22.75 0.75 6.17
C LYS B 248 22.96 1.01 7.67
N THR B 249 23.79 1.98 7.97
CA THR B 249 24.10 2.33 9.35
C THR B 249 22.95 3.01 10.08
N GLY B 250 22.04 3.62 9.32
CA GLY B 250 20.93 4.38 9.88
C GLY B 250 21.38 5.79 9.53
N VAL B 251 20.52 6.57 8.89
CA VAL B 251 20.93 7.91 8.42
C VAL B 251 21.33 9.01 9.42
N PHE B 252 20.43 9.39 10.32
CA PHE B 252 20.73 10.43 11.30
C PHE B 252 22.04 10.10 12.01
N ARG B 253 22.07 8.96 12.72
CA ARG B 253 23.25 8.49 13.47
C ARG B 253 24.51 8.30 12.60
N GLY B 254 24.33 7.89 11.34
CA GLY B 254 25.46 7.71 10.47
C GLY B 254 26.11 9.06 10.23
N LEU B 255 25.30 10.06 9.92
CA LEU B 255 25.78 11.43 9.66
C LEU B 255 26.50 12.00 10.87
N LYS B 256 25.86 11.89 12.02
CA LYS B 256 26.40 12.35 13.27
C LYS B 256 27.76 11.67 13.55
N THR B 257 27.89 10.40 13.18
CA THR B 257 29.16 9.73 13.40
C THR B 257 30.22 10.34 12.50
N VAL B 258 29.86 10.58 11.24
CA VAL B 258 30.81 11.16 10.28
C VAL B 258 31.24 12.54 10.77
N LEU B 259 30.26 13.37 11.13
CA LEU B 259 30.51 14.72 11.61
C LEU B 259 31.43 14.64 12.82
N HIS B 260 31.21 13.61 13.63
CA HIS B 260 32.00 13.36 14.82
C HIS B 260 33.46 13.11 14.48
N TYR B 261 33.70 12.25 13.49
CA TYR B 261 35.05 11.94 13.03
C TYR B 261 35.64 13.18 12.35
N MET B 262 34.76 14.13 12.01
CA MET B 262 35.19 15.38 11.39
C MET B 262 35.39 16.47 12.45
N ASP B 263 35.25 16.09 13.72
CA ASP B 263 35.44 16.99 14.85
C ASP B 263 34.32 18.00 15.01
N VAL B 264 33.11 17.63 14.62
CA VAL B 264 31.99 18.56 14.76
C VAL B 264 31.04 18.17 15.86
N VAL B 265 30.65 16.90 15.91
CA VAL B 265 29.73 16.43 16.93
C VAL B 265 30.51 15.58 17.92
N SER B 266 30.38 15.89 19.20
CA SER B 266 31.10 15.16 20.25
C SER B 266 30.57 13.73 20.42
N VAL B 267 29.28 13.63 20.66
CA VAL B 267 28.62 12.35 20.87
C VAL B 267 27.63 12.14 19.72
N PRO B 268 27.94 11.20 18.80
CA PRO B 268 27.09 10.92 17.65
C PRO B 268 25.84 10.13 17.95
N LEU B 269 25.15 10.49 19.02
CA LEU B 269 23.92 9.80 19.38
C LEU B 269 22.63 10.44 18.85
N CYS B 270 21.60 9.63 18.76
CA CYS B 270 20.26 10.06 18.36
C CYS B 270 19.45 9.66 19.59
N ARG B 271 18.28 10.24 19.81
CA ARG B 271 17.55 9.88 20.99
C ARG B 271 16.79 8.62 20.78
N LYS B 272 16.82 7.76 21.80
CA LYS B 272 16.13 6.50 21.73
C LYS B 272 14.66 6.88 21.38
N PRO B 273 13.91 6.01 20.71
CA PRO B 273 14.13 4.65 20.20
C PRO B 273 15.34 4.38 19.31
N PHE B 274 15.92 5.40 18.71
CA PHE B 274 17.07 5.16 17.86
C PHE B 274 18.17 4.53 18.68
N GLY B 275 18.83 3.53 18.11
CA GLY B 275 19.93 2.90 18.81
C GLY B 275 21.22 3.40 18.21
N PRO B 276 22.37 2.90 18.65
CA PRO B 276 23.62 3.39 18.07
C PRO B 276 23.94 2.66 16.79
N VAL B 277 24.94 3.16 16.07
CA VAL B 277 25.39 2.55 14.82
C VAL B 277 26.00 1.21 15.22
N ASP B 278 25.98 0.26 14.30
CA ASP B 278 26.60 -1.01 14.58
C ASP B 278 28.10 -0.73 14.44
N GLU B 279 28.89 -1.22 15.40
CA GLU B 279 30.33 -1.03 15.39
C GLU B 279 30.99 -1.39 14.06
N LYS B 280 30.48 -2.42 13.38
CA LYS B 280 31.05 -2.88 12.12
C LYS B 280 31.10 -1.76 11.10
N TYR B 281 30.18 -0.81 11.25
CA TYR B 281 30.12 0.33 10.35
C TYR B 281 31.14 1.43 10.64
N LEU B 282 31.63 1.46 11.87
CA LEU B 282 32.57 2.49 12.26
C LEU B 282 33.76 2.69 11.31
N PRO B 283 34.43 1.63 10.86
CA PRO B 283 35.57 1.82 9.94
C PRO B 283 35.23 2.52 8.61
N GLU B 284 34.08 2.18 8.02
CA GLU B 284 33.68 2.82 6.77
C GLU B 284 33.23 4.26 6.99
N LEU B 285 32.59 4.52 8.12
CA LEU B 285 32.15 5.88 8.44
C LEU B 285 33.38 6.74 8.72
N LYS B 286 34.33 6.14 9.44
CA LYS B 286 35.58 6.80 9.76
C LYS B 286 36.29 7.09 8.44
N ALA B 287 36.31 6.08 7.57
CA ALA B 287 36.94 6.22 6.25
C ALA B 287 36.28 7.33 5.41
N LEU B 288 34.96 7.37 5.43
CA LEU B 288 34.19 8.35 4.69
C LEU B 288 34.48 9.73 5.23
N ALA B 289 34.50 9.85 6.55
CA ALA B 289 34.79 11.13 7.18
C ALA B 289 36.12 11.69 6.67
N GLN B 290 37.16 10.87 6.77
CA GLN B 290 38.48 11.27 6.31
C GLN B 290 38.44 11.59 4.83
N GLN B 291 37.74 10.76 4.08
CA GLN B 291 37.64 10.95 2.64
C GLN B 291 36.91 12.22 2.25
N LEU B 292 35.82 12.54 2.97
CA LEU B 292 35.03 13.73 2.67
C LEU B 292 35.83 14.98 2.93
N MET B 293 36.83 14.85 3.79
CA MET B 293 37.73 15.94 4.10
C MET B 293 38.60 16.11 2.83
N GLN B 294 37.93 16.38 1.71
CA GLN B 294 38.51 16.55 0.37
C GLN B 294 38.49 18.02 -0.05
N ASN C 4 -6.34 -10.59 34.32
CA ASN C 4 -7.41 -9.92 35.09
C ASN C 4 -7.72 -8.56 34.49
N LEU C 5 -6.92 -8.18 33.49
CA LEU C 5 -7.12 -6.93 32.75
C LEU C 5 -8.11 -7.28 31.64
N ARG C 6 -8.59 -8.51 31.67
CA ARG C 6 -9.54 -9.00 30.69
C ARG C 6 -10.83 -8.19 30.80
N GLY C 7 -11.47 -7.90 29.68
CA GLY C 7 -12.69 -7.13 29.75
C GLY C 7 -12.88 -6.05 28.70
N VAL C 8 -14.08 -5.46 28.71
CA VAL C 8 -14.48 -4.40 27.81
C VAL C 8 -14.04 -3.12 28.50
N MET C 9 -13.01 -2.49 27.95
CA MET C 9 -12.42 -1.28 28.50
C MET C 9 -12.77 -0.11 27.58
N ALA C 10 -13.37 0.96 28.09
CA ALA C 10 -13.68 2.11 27.20
C ALA C 10 -12.44 2.97 26.97
N ALA C 11 -12.22 3.34 25.70
CA ALA C 11 -11.09 4.20 25.30
C ALA C 11 -11.50 5.66 25.60
N LEU C 12 -10.96 6.20 26.68
CA LEU C 12 -11.36 7.53 27.10
C LEU C 12 -11.10 8.74 26.20
N LEU C 13 -12.16 9.52 25.99
CA LEU C 13 -12.16 10.79 25.24
C LEU C 13 -11.69 11.87 26.22
N THR C 14 -10.92 12.87 25.79
CA THR C 14 -10.59 13.93 26.75
C THR C 14 -11.39 15.17 26.37
N PRO C 15 -12.38 15.53 27.23
CA PRO C 15 -13.21 16.70 26.97
C PRO C 15 -12.41 17.97 27.13
N PHE C 16 -12.58 18.89 26.18
CA PHE C 16 -11.91 20.20 26.17
C PHE C 16 -12.94 21.30 26.40
N ASP C 17 -12.49 22.50 26.76
CA ASP C 17 -13.41 23.60 26.94
C ASP C 17 -13.49 24.43 25.64
N GLN C 18 -14.16 25.60 25.71
CA GLN C 18 -14.30 26.47 24.56
C GLN C 18 -12.95 27.00 24.06
N GLN C 19 -12.00 27.12 25.00
CA GLN C 19 -10.65 27.56 24.72
C GLN C 19 -9.79 26.33 24.39
N GLN C 20 -10.44 25.18 24.24
CA GLN C 20 -9.79 23.91 23.94
C GLN C 20 -8.86 23.44 25.04
N ALA C 21 -9.20 23.77 26.28
CA ALA C 21 -8.43 23.36 27.43
C ALA C 21 -9.18 22.24 28.13
N LEU C 22 -8.43 21.35 28.76
CA LEU C 22 -9.03 20.21 29.43
C LEU C 22 -10.24 20.64 30.23
N ASP C 23 -11.37 20.02 29.93
CA ASP C 23 -12.57 20.31 30.64
C ASP C 23 -12.67 19.23 31.73
N LYS C 24 -12.10 19.56 32.91
CA LYS C 24 -12.09 18.66 34.08
C LYS C 24 -13.50 18.33 34.52
N ALA C 25 -14.38 19.32 34.47
CA ALA C 25 -15.76 19.11 34.85
C ALA C 25 -16.35 17.95 34.09
N SER C 26 -16.09 17.92 32.79
CA SER C 26 -16.61 16.87 31.92
C SER C 26 -15.83 15.57 31.96
N LEU C 27 -14.51 15.67 32.18
CA LEU C 27 -13.68 14.47 32.27
C LEU C 27 -14.29 13.59 33.32
N ARG C 28 -14.29 14.12 34.55
CA ARG C 28 -14.82 13.45 35.74
C ARG C 28 -16.21 12.93 35.47
N ARG C 29 -17.01 13.76 34.83
CA ARG C 29 -18.38 13.41 34.49
C ARG C 29 -18.40 12.19 33.57
N LEU C 30 -17.43 12.13 32.64
CA LEU C 30 -17.33 11.02 31.70
C LEU C 30 -16.78 9.75 32.38
N VAL C 31 -15.78 9.92 33.23
CA VAL C 31 -15.24 8.81 33.98
C VAL C 31 -16.36 8.08 34.70
N GLN C 32 -17.17 8.85 35.41
CA GLN C 32 -18.30 8.29 36.14
C GLN C 32 -19.40 7.72 35.22
N PHE C 33 -19.61 8.38 34.09
CA PHE C 33 -20.61 7.95 33.10
C PHE C 33 -20.24 6.55 32.60
N ASN C 34 -18.95 6.39 32.32
CA ASN C 34 -18.43 5.12 31.84
C ASN C 34 -18.59 4.08 32.95
N ILE C 35 -18.22 4.46 34.16
CA ILE C 35 -18.36 3.56 35.28
C ILE C 35 -19.81 3.03 35.36
N GLN C 36 -20.75 3.95 35.40
CA GLN C 36 -22.16 3.59 35.51
C GLN C 36 -22.66 2.73 34.36
N GLN C 37 -21.92 2.73 33.26
CA GLN C 37 -22.28 1.97 32.07
C GLN C 37 -21.95 0.49 32.28
N GLY C 38 -21.24 0.22 33.37
CA GLY C 38 -20.85 -1.13 33.68
C GLY C 38 -19.66 -1.54 32.83
N ILE C 39 -18.80 -0.56 32.51
CA ILE C 39 -17.62 -0.84 31.71
C ILE C 39 -16.58 -1.48 32.65
N ASP C 40 -15.78 -2.42 32.15
CA ASP C 40 -14.78 -3.07 33.00
C ASP C 40 -13.56 -2.25 33.36
N GLY C 41 -13.36 -1.14 32.68
CA GLY C 41 -12.22 -0.29 32.99
C GLY C 41 -12.10 0.80 31.95
N LEU C 42 -11.07 1.62 32.04
CA LEU C 42 -10.85 2.69 31.08
C LEU C 42 -9.40 2.69 30.59
N TYR C 43 -9.28 2.88 29.28
CA TYR C 43 -8.00 2.96 28.58
C TYR C 43 -7.92 4.49 28.42
N VAL C 44 -7.10 5.11 29.26
CA VAL C 44 -6.99 6.56 29.27
C VAL C 44 -5.71 7.05 28.66
N GLY C 45 -5.85 8.12 27.89
CA GLY C 45 -4.72 8.75 27.22
C GLY C 45 -4.30 8.11 25.91
N GLY C 46 -5.23 7.47 25.24
CA GLY C 46 -4.89 6.84 23.98
C GLY C 46 -5.22 7.71 22.78
N SER C 47 -5.21 7.06 21.61
CA SER C 47 -5.53 7.73 20.36
C SER C 47 -6.89 8.45 20.52
N THR C 48 -7.86 7.74 21.09
CA THR C 48 -9.19 8.28 21.30
C THR C 48 -9.15 9.44 22.28
N GLY C 49 -8.09 9.51 23.05
CA GLY C 49 -7.97 10.58 24.01
C GLY C 49 -7.16 11.73 23.51
N GLU C 50 -7.03 11.85 22.18
CA GLU C 50 -6.27 12.94 21.58
C GLU C 50 -4.87 13.19 22.18
N ALA C 51 -4.31 12.14 22.75
CA ALA C 51 -2.99 12.18 23.38
C ALA C 51 -1.90 12.79 22.54
N PHE C 52 -1.93 12.47 21.24
CA PHE C 52 -0.90 12.90 20.27
C PHE C 52 -0.96 14.36 19.87
N VAL C 53 -2.01 15.02 20.35
CA VAL C 53 -2.23 16.42 20.11
C VAL C 53 -2.09 17.17 21.48
N GLN C 54 -1.71 16.44 22.53
CA GLN C 54 -1.51 16.97 23.89
C GLN C 54 -0.04 16.89 24.27
N SER C 55 0.29 17.44 25.44
CA SER C 55 1.67 17.45 25.93
C SER C 55 1.76 16.48 27.10
N LEU C 56 2.98 16.13 27.49
CA LEU C 56 3.20 15.21 28.60
C LEU C 56 2.42 15.62 29.85
N SER C 57 2.59 16.89 30.18
CA SER C 57 1.98 17.52 31.33
C SER C 57 0.47 17.44 31.28
N GLU C 58 -0.10 17.71 30.12
CA GLU C 58 -1.54 17.65 29.98
C GLU C 58 -2.00 16.21 30.09
N ARG C 59 -1.22 15.31 29.51
CA ARG C 59 -1.54 13.89 29.51
C ARG C 59 -1.50 13.37 30.94
N GLU C 60 -0.49 13.80 31.69
CA GLU C 60 -0.34 13.38 33.09
C GLU C 60 -1.54 13.88 33.89
N GLN C 61 -1.89 15.16 33.69
CA GLN C 61 -3.02 15.78 34.38
C GLN C 61 -4.26 14.95 34.26
N VAL C 62 -4.60 14.60 33.04
CA VAL C 62 -5.75 13.76 32.74
C VAL C 62 -5.59 12.39 33.42
N LEU C 63 -4.35 11.92 33.52
CA LEU C 63 -4.09 10.63 34.15
C LEU C 63 -4.49 10.71 35.61
N GLU C 64 -3.96 11.69 36.33
CA GLU C 64 -4.28 11.87 37.73
C GLU C 64 -5.78 12.08 38.00
N ILE C 65 -6.41 12.97 37.26
CA ILE C 65 -7.82 13.20 37.46
C ILE C 65 -8.62 11.93 37.34
N VAL C 66 -8.28 11.05 36.39
CA VAL C 66 -9.06 9.81 36.22
C VAL C 66 -8.74 8.77 37.29
N ALA C 67 -7.47 8.68 37.68
CA ALA C 67 -7.09 7.74 38.73
C ALA C 67 -8.03 8.18 39.87
N GLU C 68 -7.90 9.45 40.25
CA GLU C 68 -8.73 10.05 41.29
C GLU C 68 -10.19 9.71 41.17
N GLU C 69 -10.73 9.75 39.96
CA GLU C 69 -12.14 9.43 39.78
C GLU C 69 -12.56 7.97 39.76
N GLY C 70 -11.70 7.08 39.29
CA GLY C 70 -12.09 5.68 39.20
C GLY C 70 -11.08 4.66 39.67
N LYS C 71 -9.99 5.11 40.29
CA LYS C 71 -8.99 4.19 40.77
C LYS C 71 -9.69 3.36 41.85
N GLY C 72 -9.61 2.05 41.73
CA GLY C 72 -10.26 1.19 42.70
C GLY C 72 -11.63 0.77 42.23
N LYS C 73 -12.35 1.70 41.62
CA LYS C 73 -13.66 1.36 41.12
C LYS C 73 -13.59 0.47 39.87
N ILE C 74 -12.75 0.82 38.90
CA ILE C 74 -12.64 0.02 37.70
C ILE C 74 -11.18 -0.16 37.33
N LYS C 75 -10.94 -1.00 36.31
CA LYS C 75 -9.58 -1.25 35.85
C LYS C 75 -9.12 -0.05 35.04
N LEU C 76 -7.86 0.33 35.27
CA LEU C 76 -7.29 1.51 34.66
C LEU C 76 -5.97 1.23 34.00
N ILE C 77 -5.98 1.37 32.68
CA ILE C 77 -4.82 1.18 31.84
C ILE C 77 -4.55 2.59 31.28
N ALA C 78 -3.33 3.05 31.46
CA ALA C 78 -2.93 4.37 31.01
C ALA C 78 -2.06 4.27 29.78
N HIS C 79 -2.54 4.79 28.65
CA HIS C 79 -1.75 4.81 27.44
C HIS C 79 -0.66 5.89 27.69
N VAL C 80 0.58 5.43 27.75
CA VAL C 80 1.79 6.19 28.08
C VAL C 80 2.70 6.43 26.87
N GLY C 81 2.23 6.02 25.70
CA GLY C 81 3.03 6.11 24.50
C GLY C 81 3.18 7.34 23.65
N CYS C 82 4.43 7.56 23.25
CA CYS C 82 4.89 8.64 22.41
C CYS C 82 5.94 8.04 21.47
N VAL C 83 6.49 8.89 20.60
CA VAL C 83 7.54 8.46 19.69
C VAL C 83 8.81 8.36 20.53
N THR C 84 8.97 9.27 21.49
CA THR C 84 10.13 9.32 22.39
C THR C 84 9.98 8.28 23.46
N THR C 85 11.05 7.51 23.68
CA THR C 85 11.02 6.46 24.71
C THR C 85 11.03 7.16 26.08
N ALA C 86 11.85 8.20 26.16
CA ALA C 86 12.00 8.96 27.38
C ALA C 86 10.68 9.61 27.83
N GLU C 87 9.93 10.18 26.89
CA GLU C 87 8.66 10.82 27.23
C GLU C 87 7.71 9.80 27.75
N SER C 88 7.69 8.65 27.09
CA SER C 88 6.83 7.52 27.43
C SER C 88 7.16 7.05 28.84
N GLN C 89 8.45 6.82 29.09
CA GLN C 89 8.93 6.39 30.40
C GLN C 89 8.41 7.29 31.49
N GLN C 90 8.54 8.59 31.26
CA GLN C 90 8.08 9.61 32.19
C GLN C 90 6.62 9.41 32.49
N LEU C 91 5.81 9.24 31.46
CA LEU C 91 4.39 9.04 31.68
C LEU C 91 4.12 7.67 32.34
N ALA C 92 5.01 6.69 32.12
CA ALA C 92 4.85 5.37 32.72
C ALA C 92 5.10 5.55 34.22
N ALA C 93 6.20 6.19 34.54
CA ALA C 93 6.55 6.50 35.90
C ALA C 93 5.37 7.21 36.63
N SER C 94 4.67 8.10 35.94
CA SER C 94 3.55 8.82 36.54
C SER C 94 2.36 7.93 36.76
N ALA C 95 2.12 6.99 35.84
CA ALA C 95 0.98 6.07 35.92
C ALA C 95 1.13 5.22 37.16
N LYS C 96 2.37 4.86 37.45
CA LYS C 96 2.69 4.06 38.62
C LYS C 96 2.25 4.90 39.80
N ARG C 97 2.78 6.12 39.83
CA ARG C 97 2.51 7.09 40.87
C ARG C 97 1.03 7.30 41.09
N TYR C 98 0.29 7.46 40.02
CA TYR C 98 -1.13 7.69 40.15
C TYR C 98 -1.82 6.40 40.47
N GLY C 99 -1.10 5.30 40.27
CA GLY C 99 -1.65 4.00 40.58
C GLY C 99 -2.53 3.37 39.52
N PHE C 100 -2.15 3.53 38.25
CA PHE C 100 -2.92 2.88 37.21
C PHE C 100 -2.59 1.41 37.32
N ASP C 101 -3.46 0.56 36.79
CA ASP C 101 -3.24 -0.88 36.86
C ASP C 101 -2.26 -1.39 35.82
N ALA C 102 -2.38 -0.86 34.61
CA ALA C 102 -1.49 -1.27 33.55
C ALA C 102 -0.94 -0.06 32.85
N VAL C 103 0.02 -0.31 31.98
CA VAL C 103 0.65 0.71 31.17
C VAL C 103 0.38 0.32 29.69
N SER C 104 0.56 1.24 28.77
CA SER C 104 0.30 0.90 27.39
C SER C 104 1.05 1.83 26.46
N ALA C 105 1.49 1.35 25.30
CA ALA C 105 2.21 2.21 24.39
C ALA C 105 2.07 1.71 22.95
N VAL C 106 1.84 2.66 22.03
CA VAL C 106 1.73 2.33 20.60
C VAL C 106 3.15 2.19 20.16
N THR C 107 3.35 1.41 19.10
CA THR C 107 4.68 1.26 18.54
C THR C 107 5.09 2.68 18.13
N PRO C 108 6.26 3.14 18.58
CA PRO C 108 6.73 4.50 18.23
C PRO C 108 6.61 4.72 16.70
N PHE C 109 5.87 5.75 16.32
CA PHE C 109 5.63 6.06 14.91
C PHE C 109 6.49 7.14 14.23
N TYR C 110 6.04 7.60 13.06
CA TYR C 110 6.70 8.59 12.22
C TYR C 110 8.07 8.20 11.69
N TYR C 111 9.06 8.09 12.57
CA TYR C 111 10.38 7.64 12.13
C TYR C 111 10.31 6.11 12.06
N PRO C 112 10.96 5.52 11.06
CA PRO C 112 10.92 4.06 10.97
C PRO C 112 11.95 3.52 11.96
N PHE C 113 11.52 2.63 12.84
CA PHE C 113 12.43 2.04 13.81
C PHE C 113 12.51 0.58 13.54
N SER C 114 13.65 -0.01 13.87
CA SER C 114 13.88 -1.43 13.69
C SER C 114 13.07 -2.21 14.71
N PHE C 115 12.84 -3.50 14.47
CA PHE C 115 12.09 -4.24 15.45
C PHE C 115 12.82 -4.30 16.79
N GLU C 116 14.15 -4.25 16.77
CA GLU C 116 14.94 -4.29 17.99
C GLU C 116 14.76 -2.99 18.73
N GLU C 117 14.71 -1.92 17.96
CA GLU C 117 14.51 -0.61 18.52
C GLU C 117 13.14 -0.63 19.15
N HIS C 118 12.16 -1.16 18.44
CA HIS C 118 10.83 -1.24 19.01
C HIS C 118 10.81 -1.99 20.32
N CYS C 119 11.49 -3.14 20.35
CA CYS C 119 11.54 -4.00 21.53
C CYS C 119 12.18 -3.33 22.72
N ASP C 120 13.33 -2.71 22.49
CA ASP C 120 14.02 -2.02 23.57
C ASP C 120 13.19 -0.87 24.16
N HIS C 121 12.45 -0.17 23.31
CA HIS C 121 11.59 0.96 23.69
C HIS C 121 10.51 0.48 24.66
N TYR C 122 9.89 -0.66 24.35
CA TYR C 122 8.88 -1.21 25.23
C TYR C 122 9.58 -1.66 26.54
N ARG C 123 10.81 -2.14 26.40
CA ARG C 123 11.57 -2.60 27.54
C ARG C 123 11.78 -1.43 28.50
N ALA C 124 12.32 -0.34 27.97
CA ALA C 124 12.56 0.87 28.75
C ALA C 124 11.29 1.35 29.43
N ILE C 125 10.22 1.46 28.66
CA ILE C 125 8.96 1.90 29.26
C ILE C 125 8.47 0.89 30.30
N ILE C 126 8.76 -0.39 30.07
CA ILE C 126 8.35 -1.42 31.01
C ILE C 126 9.12 -1.18 32.32
N ASP C 127 10.39 -0.84 32.16
CA ASP C 127 11.30 -0.56 33.26
C ASP C 127 10.78 0.59 34.14
N SER C 128 10.20 1.58 33.50
CA SER C 128 9.68 2.73 34.20
C SER C 128 8.26 2.58 34.75
N ALA C 129 7.49 1.60 34.29
CA ALA C 129 6.12 1.44 34.78
C ALA C 129 6.09 0.83 36.19
N ASP C 130 7.30 0.59 36.68
CA ASP C 130 7.57 0.02 37.99
C ASP C 130 6.61 -1.06 38.49
N GLY C 131 6.42 -2.10 37.70
CA GLY C 131 5.56 -3.20 38.13
C GLY C 131 4.27 -3.28 37.37
N LEU C 132 3.90 -2.19 36.70
CA LEU C 132 2.67 -2.22 35.92
C LEU C 132 2.86 -3.04 34.64
N PRO C 133 2.00 -4.05 34.42
CA PRO C 133 2.09 -4.88 33.22
C PRO C 133 1.83 -4.00 32.01
N MET C 134 2.61 -4.25 30.97
CA MET C 134 2.50 -3.50 29.73
C MET C 134 1.52 -4.09 28.76
N VAL C 135 0.72 -3.23 28.14
CA VAL C 135 -0.24 -3.64 27.11
C VAL C 135 0.28 -3.11 25.76
N VAL C 136 0.72 -4.02 24.87
CA VAL C 136 1.23 -3.61 23.56
C VAL C 136 0.10 -3.18 22.64
N TYR C 137 0.26 -2.00 22.07
CA TYR C 137 -0.79 -1.41 21.23
C TYR C 137 -0.42 -1.48 19.78
N ASN C 138 -1.13 -2.37 19.08
CA ASN C 138 -0.92 -2.60 17.66
C ASN C 138 -2.03 -1.94 16.89
N ILE C 139 -1.66 -0.90 16.14
CA ILE C 139 -2.59 -0.14 15.31
C ILE C 139 -1.84 0.35 14.08
N PRO C 140 -1.52 -0.58 13.17
CA PRO C 140 -0.79 -0.38 11.91
C PRO C 140 -1.38 0.74 11.05
N ALA C 141 -2.71 0.77 11.00
CA ALA C 141 -3.40 1.77 10.22
C ALA C 141 -2.84 3.13 10.51
N LEU C 142 -2.85 3.52 11.78
CA LEU C 142 -2.38 4.83 12.18
C LEU C 142 -0.89 4.90 12.44
N SER C 143 -0.31 3.86 13.01
CA SER C 143 1.12 3.90 13.32
C SER C 143 1.99 3.78 12.09
N GLY C 144 1.49 3.07 11.09
CA GLY C 144 2.26 2.83 9.89
C GLY C 144 3.26 1.73 10.19
N VAL C 145 2.99 0.95 11.23
CA VAL C 145 3.89 -0.15 11.57
C VAL C 145 3.14 -1.46 11.35
N LYS C 146 3.74 -2.32 10.54
CA LYS C 146 3.15 -3.62 10.22
C LYS C 146 4.09 -4.71 10.71
N LEU C 147 3.98 -5.03 11.98
CA LEU C 147 4.80 -6.06 12.58
C LEU C 147 4.38 -7.38 11.98
N THR C 148 5.27 -8.36 12.03
CA THR C 148 4.95 -9.69 11.53
C THR C 148 4.46 -10.44 12.75
N LEU C 149 3.84 -11.61 12.56
CA LEU C 149 3.34 -12.41 13.67
C LEU C 149 4.46 -12.79 14.61
N ASP C 150 5.54 -13.30 14.08
CA ASP C 150 6.67 -13.63 14.92
C ASP C 150 7.08 -12.42 15.73
N GLN C 151 6.97 -11.24 15.14
CA GLN C 151 7.33 -9.99 15.80
C GLN C 151 6.33 -9.65 16.90
N ILE C 152 5.04 -9.80 16.61
CA ILE C 152 4.02 -9.55 17.61
C ILE C 152 4.24 -10.59 18.73
N ASN C 153 4.58 -11.81 18.36
CA ASN C 153 4.83 -12.88 19.33
C ASN C 153 5.96 -12.48 20.25
N THR C 154 7.03 -11.94 19.71
CA THR C 154 8.16 -11.53 20.52
C THR C 154 7.74 -10.47 21.50
N LEU C 155 7.08 -9.44 20.98
CA LEU C 155 6.59 -8.32 21.78
C LEU C 155 5.74 -8.77 22.97
N VAL C 156 4.70 -9.51 22.65
CA VAL C 156 3.74 -10.05 23.59
C VAL C 156 4.38 -10.96 24.64
N THR C 157 5.55 -11.54 24.37
CA THR C 157 6.17 -12.39 25.36
C THR C 157 7.26 -11.68 26.14
N LEU C 158 7.44 -10.40 25.86
CA LEU C 158 8.45 -9.62 26.54
C LEU C 158 8.11 -9.65 28.04
N PRO C 159 9.15 -9.69 28.89
CA PRO C 159 8.98 -9.71 30.35
C PRO C 159 8.39 -8.38 30.80
N GLY C 160 7.13 -8.43 31.17
CA GLY C 160 6.42 -7.25 31.60
C GLY C 160 5.17 -7.10 30.78
N VAL C 161 5.17 -7.62 29.55
CA VAL C 161 3.98 -7.49 28.74
C VAL C 161 2.88 -8.40 29.27
N GLY C 162 1.73 -7.82 29.59
CA GLY C 162 0.64 -8.60 30.11
C GLY C 162 -0.53 -8.76 29.17
N ALA C 163 -0.63 -7.93 28.13
CA ALA C 163 -1.75 -8.02 27.21
C ALA C 163 -1.41 -7.40 25.89
N LEU C 164 -2.42 -7.38 25.00
CA LEU C 164 -2.28 -6.83 23.65
C LEU C 164 -3.57 -6.22 23.18
N LYS C 165 -3.49 -4.99 22.70
CA LYS C 165 -4.63 -4.32 22.12
C LYS C 165 -4.37 -4.48 20.60
N GLN C 166 -5.11 -5.39 19.96
CA GLN C 166 -4.97 -5.69 18.53
C GLN C 166 -5.92 -4.80 17.77
N THR C 167 -5.42 -3.71 17.21
CA THR C 167 -6.29 -2.86 16.39
C THR C 167 -5.96 -3.24 14.95
N SER C 168 -6.58 -4.31 14.48
CA SER C 168 -6.35 -4.82 13.16
C SER C 168 -7.58 -5.63 12.83
N GLY C 169 -8.00 -5.58 11.58
CA GLY C 169 -9.19 -6.32 11.19
C GLY C 169 -8.81 -7.66 10.62
N ASP C 170 -7.54 -8.02 10.81
CA ASP C 170 -7.06 -9.30 10.32
C ASP C 170 -7.47 -10.35 11.33
N LEU C 171 -8.65 -10.92 11.19
CA LEU C 171 -9.10 -11.90 12.15
C LEU C 171 -8.51 -13.31 12.02
N TYR C 172 -7.62 -13.49 11.05
CA TYR C 172 -6.91 -14.76 10.92
C TYR C 172 -5.72 -14.63 11.88
N GLN C 173 -5.10 -13.45 11.86
CA GLN C 173 -4.00 -13.18 12.75
C GLN C 173 -4.49 -13.20 14.19
N MET C 174 -5.76 -12.82 14.40
CA MET C 174 -6.36 -12.80 15.74
C MET C 174 -6.36 -14.20 16.37
N GLU C 175 -6.86 -15.16 15.59
CA GLU C 175 -6.92 -16.54 16.03
C GLU C 175 -5.48 -17.11 16.14
N GLN C 176 -4.59 -16.65 15.28
CA GLN C 176 -3.20 -17.11 15.35
C GLN C 176 -2.54 -16.62 16.63
N ILE C 177 -2.91 -15.43 17.09
CA ILE C 177 -2.32 -14.91 18.30
C ILE C 177 -2.87 -15.69 19.48
N ARG C 178 -4.18 -15.94 19.50
CA ARG C 178 -4.83 -16.72 20.55
C ARG C 178 -4.30 -18.18 20.59
N ARG C 179 -3.96 -18.72 19.42
CA ARG C 179 -3.44 -20.08 19.36
C ARG C 179 -2.05 -20.10 19.97
N GLU C 180 -1.26 -19.08 19.68
CA GLU C 180 0.12 -18.98 20.17
C GLU C 180 0.14 -18.75 21.65
N HIS C 181 -0.73 -17.85 22.09
CA HIS C 181 -0.79 -17.47 23.48
C HIS C 181 -2.21 -17.66 24.01
N PRO C 182 -2.50 -18.88 24.46
CA PRO C 182 -3.82 -19.21 24.99
C PRO C 182 -4.22 -18.42 26.24
N ASP C 183 -3.24 -17.97 27.01
CA ASP C 183 -3.52 -17.24 28.23
C ASP C 183 -3.27 -15.74 28.08
N LEU C 184 -3.18 -15.25 26.86
CA LEU C 184 -2.93 -13.82 26.64
C LEU C 184 -4.19 -12.98 26.71
N VAL C 185 -4.05 -11.78 27.29
CA VAL C 185 -5.16 -10.83 27.37
C VAL C 185 -5.08 -10.17 25.99
N LEU C 186 -6.09 -10.45 25.16
CA LEU C 186 -6.20 -9.96 23.79
C LEU C 186 -7.41 -9.07 23.62
N TYR C 187 -7.16 -7.78 23.39
CA TYR C 187 -8.25 -6.84 23.18
C TYR C 187 -8.54 -6.59 21.69
N ASN C 188 -9.79 -6.79 21.29
CA ASN C 188 -10.25 -6.52 19.95
C ASN C 188 -10.32 -4.99 19.82
N GLY C 189 -9.55 -4.41 18.90
CA GLY C 189 -9.50 -2.96 18.71
C GLY C 189 -10.54 -2.29 17.83
N TYR C 190 -11.01 -2.97 16.79
CA TYR C 190 -12.03 -2.42 15.91
C TYR C 190 -13.44 -2.81 16.33
N ASP C 191 -14.17 -1.82 16.84
CA ASP C 191 -15.52 -2.00 17.33
C ASP C 191 -16.52 -2.54 16.30
N GLU C 192 -16.30 -2.22 15.02
CA GLU C 192 -17.18 -2.66 13.93
C GLU C 192 -17.12 -4.17 13.78
N ILE C 193 -16.07 -4.81 14.31
CA ILE C 193 -15.96 -6.27 14.23
C ILE C 193 -15.86 -6.94 15.60
N PHE C 194 -16.29 -6.25 16.66
CA PHE C 194 -16.23 -6.79 18.01
C PHE C 194 -16.57 -8.28 18.11
N ALA C 195 -17.82 -8.63 17.81
CA ALA C 195 -18.35 -10.00 17.85
C ALA C 195 -17.44 -10.99 17.12
N SER C 196 -17.02 -10.61 15.91
CA SER C 196 -16.16 -11.43 15.08
C SER C 196 -14.75 -11.58 15.65
N GLY C 197 -14.27 -10.53 16.30
CA GLY C 197 -12.94 -10.58 16.92
C GLY C 197 -12.94 -11.53 18.11
N LEU C 198 -13.98 -11.45 18.93
CA LEU C 198 -14.12 -12.30 20.12
C LEU C 198 -14.26 -13.77 19.65
N LEU C 199 -15.05 -13.99 18.63
CA LEU C 199 -15.20 -15.33 18.12
C LEU C 199 -13.85 -15.85 17.60
N ALA C 200 -13.00 -14.94 17.12
CA ALA C 200 -11.69 -15.32 16.62
C ALA C 200 -10.63 -15.45 17.70
N GLY C 201 -10.95 -15.06 18.94
CA GLY C 201 -9.94 -15.20 19.99
C GLY C 201 -9.79 -14.11 21.03
N ALA C 202 -10.25 -12.89 20.74
CA ALA C 202 -10.11 -11.80 21.70
C ALA C 202 -10.95 -12.14 22.92
N ASP C 203 -10.40 -11.90 24.10
CA ASP C 203 -11.15 -12.15 25.33
C ASP C 203 -11.73 -10.83 25.88
N GLY C 204 -11.59 -9.75 25.11
CA GLY C 204 -12.08 -8.44 25.52
C GLY C 204 -12.03 -7.42 24.39
N GLY C 205 -11.89 -6.15 24.75
CA GLY C 205 -11.82 -5.11 23.74
C GLY C 205 -11.74 -3.70 24.26
N ILE C 206 -10.94 -2.87 23.59
CA ILE C 206 -10.77 -1.47 23.94
C ILE C 206 -11.29 -0.64 22.75
N GLY C 207 -12.38 0.11 22.94
CA GLY C 207 -12.92 0.88 21.84
C GLY C 207 -13.43 2.26 22.23
N SER C 208 -13.46 3.16 21.26
CA SER C 208 -13.93 4.51 21.53
C SER C 208 -15.45 4.57 21.63
N THR C 209 -16.14 3.96 20.69
CA THR C 209 -17.60 3.98 20.71
C THR C 209 -18.20 3.45 22.02
N TYR C 210 -17.37 2.78 22.83
CA TYR C 210 -17.81 2.22 24.11
C TYR C 210 -18.32 3.31 25.01
N ASN C 211 -17.82 4.54 24.81
CA ASN C 211 -18.19 5.71 25.63
C ASN C 211 -19.65 6.09 25.59
N ILE C 212 -20.34 5.75 24.50
CA ILE C 212 -21.75 6.09 24.39
C ILE C 212 -22.71 4.89 24.40
N MET C 213 -22.17 3.68 24.40
CA MET C 213 -23.04 2.50 24.42
C MET C 213 -22.32 1.26 24.88
N GLY C 214 -21.38 1.44 25.80
CA GLY C 214 -20.61 0.32 26.33
C GLY C 214 -21.41 -0.91 26.71
N TRP C 215 -22.68 -0.71 26.99
CA TRP C 215 -23.53 -1.82 27.37
C TRP C 215 -23.68 -2.87 26.27
N ARG C 216 -23.74 -2.44 25.02
CA ARG C 216 -23.90 -3.36 23.88
C ARG C 216 -22.75 -4.33 23.73
N TYR C 217 -21.53 -3.82 23.83
CA TYR C 217 -20.36 -4.66 23.75
C TYR C 217 -20.40 -5.67 24.89
N GLN C 218 -20.72 -5.21 26.11
CA GLN C 218 -20.82 -6.13 27.26
C GLN C 218 -21.97 -7.09 26.93
N GLY C 219 -22.96 -6.57 26.21
CA GLY C 219 -24.13 -7.33 25.81
C GLY C 219 -23.81 -8.49 24.87
N ILE C 220 -22.98 -8.19 23.87
CA ILE C 220 -22.54 -9.17 22.88
C ILE C 220 -21.74 -10.25 23.57
N VAL C 221 -20.88 -9.84 24.50
CA VAL C 221 -20.04 -10.76 25.24
C VAL C 221 -20.86 -11.84 25.92
N LYS C 222 -21.91 -11.41 26.62
CA LYS C 222 -22.78 -12.33 27.35
C LYS C 222 -23.48 -13.26 26.36
N ALA C 223 -24.07 -12.68 25.31
CA ALA C 223 -24.78 -13.45 24.29
C ALA C 223 -23.87 -14.52 23.66
N LEU C 224 -22.65 -14.13 23.32
CA LEU C 224 -21.72 -15.07 22.74
C LEU C 224 -21.41 -16.14 23.80
N LYS C 225 -21.19 -15.71 25.03
CA LYS C 225 -20.90 -16.64 26.12
C LYS C 225 -22.09 -17.58 26.34
N GLU C 226 -23.28 -17.11 26.02
CA GLU C 226 -24.46 -17.92 26.20
C GLU C 226 -24.78 -18.75 24.98
N GLY C 227 -24.16 -18.44 23.84
CA GLY C 227 -24.45 -19.18 22.63
C GLY C 227 -25.66 -18.62 21.90
N ASP C 228 -25.85 -17.31 22.02
CA ASP C 228 -26.95 -16.61 21.35
C ASP C 228 -26.33 -15.71 20.29
N ILE C 229 -25.72 -16.34 19.28
CA ILE C 229 -25.06 -15.58 18.21
C ILE C 229 -26.07 -14.67 17.52
N GLN C 230 -27.32 -15.12 17.49
CA GLN C 230 -28.41 -14.38 16.84
C GLN C 230 -28.59 -13.01 17.48
N THR C 231 -28.49 -12.91 18.79
CA THR C 231 -28.68 -11.62 19.42
C THR C 231 -27.34 -10.93 19.43
N ALA C 232 -26.30 -11.75 19.48
CA ALA C 232 -24.93 -11.25 19.50
C ALA C 232 -24.79 -10.41 18.23
N GLN C 233 -25.29 -10.97 17.13
CA GLN C 233 -25.24 -10.30 15.83
C GLN C 233 -26.13 -9.08 15.86
N LYS C 234 -27.39 -9.28 16.25
CA LYS C 234 -28.36 -8.19 16.32
C LYS C 234 -27.76 -6.98 17.04
N LEU C 235 -26.92 -7.28 18.03
CA LEU C 235 -26.21 -6.26 18.78
C LEU C 235 -25.11 -5.57 17.95
N GLN C 236 -24.29 -6.37 17.28
CA GLN C 236 -23.22 -5.85 16.47
C GLN C 236 -23.73 -4.98 15.34
N THR C 237 -24.90 -5.32 14.80
CA THR C 237 -25.46 -4.53 13.71
C THR C 237 -25.90 -3.17 14.22
N GLU C 238 -26.34 -3.12 15.46
CA GLU C 238 -26.76 -1.86 16.06
C GLU C 238 -25.56 -0.94 16.24
N CYS C 239 -24.46 -1.49 16.74
CA CYS C 239 -23.24 -0.71 16.93
C CYS C 239 -22.70 -0.20 15.60
N ASN C 240 -22.88 -0.97 14.54
CA ASN C 240 -22.37 -0.61 13.21
C ASN C 240 -23.19 0.48 12.54
N LYS C 241 -24.49 0.51 12.82
CA LYS C 241 -25.38 1.54 12.28
C LYS C 241 -24.87 2.86 12.87
N VAL C 242 -24.48 2.79 14.13
CA VAL C 242 -23.93 3.94 14.87
C VAL C 242 -22.60 4.27 14.23
N ILE C 243 -21.68 3.29 14.25
CA ILE C 243 -20.34 3.46 13.71
C ILE C 243 -20.35 3.99 12.29
N ASP C 244 -21.37 3.62 11.52
CA ASP C 244 -21.51 4.12 10.16
C ASP C 244 -21.54 5.64 10.21
N LEU C 245 -22.45 6.14 11.07
CA LEU C 245 -22.65 7.58 11.25
C LEU C 245 -21.42 8.31 11.76
N LEU C 246 -20.89 7.85 12.87
CA LEU C 246 -19.73 8.49 13.46
C LEU C 246 -18.63 8.63 12.46
N ILE C 247 -18.38 7.61 11.66
CA ILE C 247 -17.33 7.71 10.66
C ILE C 247 -17.69 8.84 9.72
N LYS C 248 -18.96 8.91 9.36
CA LYS C 248 -19.46 9.95 8.47
C LYS C 248 -19.31 11.35 9.11
N THR C 249 -19.48 11.43 10.42
CA THR C 249 -19.41 12.70 11.14
C THR C 249 -18.06 13.03 11.75
N GLY C 250 -17.22 12.01 11.83
CA GLY C 250 -15.91 12.09 12.46
C GLY C 250 -16.20 11.37 13.78
N VAL C 251 -15.46 10.32 14.09
CA VAL C 251 -15.69 9.55 15.32
C VAL C 251 -15.46 10.31 16.62
N PHE C 252 -14.27 10.83 16.88
CA PHE C 252 -14.07 11.54 18.16
C PHE C 252 -15.09 12.65 18.36
N ARG C 253 -15.20 13.54 17.37
CA ARG C 253 -16.11 14.67 17.43
C ARG C 253 -17.58 14.20 17.47
N GLY C 254 -17.90 13.12 16.78
CA GLY C 254 -19.26 12.63 16.81
C GLY C 254 -19.62 12.12 18.18
N LEU C 255 -18.72 11.36 18.79
CA LEU C 255 -18.92 10.79 20.13
C LEU C 255 -19.18 11.89 21.14
N LYS C 256 -18.26 12.85 21.25
CA LYS C 256 -18.37 14.00 22.16
C LYS C 256 -19.71 14.75 21.96
N THR C 257 -20.18 14.81 20.73
CA THR C 257 -21.43 15.49 20.46
C THR C 257 -22.58 14.70 21.08
N VAL C 258 -22.59 13.39 20.84
CA VAL C 258 -23.62 12.52 21.37
C VAL C 258 -23.64 12.60 22.90
N LEU C 259 -22.46 12.63 23.51
CA LEU C 259 -22.34 12.71 24.97
C LEU C 259 -22.76 14.08 25.48
N HIS C 260 -22.64 15.06 24.61
CA HIS C 260 -23.02 16.41 24.93
C HIS C 260 -24.53 16.47 25.01
N TYR C 261 -25.20 15.82 24.07
CA TYR C 261 -26.65 15.73 24.05
C TYR C 261 -27.12 14.84 25.21
N MET C 262 -26.19 14.10 25.81
CA MET C 262 -26.44 13.22 26.93
C MET C 262 -25.98 13.94 28.19
N ASP C 263 -25.88 15.26 28.10
CA ASP C 263 -25.46 16.12 29.22
C ASP C 263 -24.22 15.61 29.92
N VAL C 264 -23.31 15.01 29.16
CA VAL C 264 -22.09 14.51 29.76
C VAL C 264 -20.91 15.46 29.50
N VAL C 265 -20.81 15.91 28.24
CA VAL C 265 -19.70 16.79 27.85
C VAL C 265 -20.19 18.15 27.38
N SER C 266 -19.71 19.19 28.07
CA SER C 266 -20.08 20.59 27.82
C SER C 266 -19.83 21.09 26.37
N VAL C 267 -18.58 21.00 25.94
CA VAL C 267 -18.18 21.44 24.61
C VAL C 267 -17.58 20.25 23.88
N PRO C 268 -18.34 19.69 22.92
CA PRO C 268 -18.01 18.53 22.07
C PRO C 268 -16.97 18.87 20.99
N LEU C 269 -15.92 19.53 21.44
CA LEU C 269 -14.87 19.98 20.58
C LEU C 269 -13.65 19.08 20.68
N CYS C 270 -12.99 18.86 19.54
CA CYS C 270 -11.73 18.11 19.49
C CYS C 270 -10.74 19.24 19.24
N ARG C 271 -9.47 18.99 19.44
CA ARG C 271 -8.52 20.05 19.25
C ARG C 271 -8.03 20.09 17.82
N LYS C 272 -7.75 21.30 17.38
CA LYS C 272 -7.27 21.50 16.04
C LYS C 272 -5.91 20.81 15.95
N PRO C 273 -5.53 20.34 14.75
CA PRO C 273 -6.23 20.41 13.46
C PRO C 273 -7.60 19.82 13.23
N PHE C 274 -8.18 19.10 14.19
CA PHE C 274 -9.52 18.56 13.93
C PHE C 274 -10.44 19.74 13.83
N GLY C 275 -11.55 19.54 13.14
CA GLY C 275 -12.57 20.57 12.96
C GLY C 275 -13.89 20.18 13.59
N PRO C 276 -14.89 21.04 13.48
CA PRO C 276 -16.21 20.79 14.04
C PRO C 276 -17.01 19.79 13.26
N VAL C 277 -18.08 19.33 13.87
CA VAL C 277 -19.02 18.40 13.27
C VAL C 277 -19.87 19.31 12.37
N ASP C 278 -20.10 18.91 11.14
CA ASP C 278 -20.94 19.74 10.31
C ASP C 278 -22.35 19.68 10.85
N GLU C 279 -23.03 20.82 10.79
CA GLU C 279 -24.39 20.99 11.29
C GLU C 279 -25.41 19.99 10.77
N LYS C 280 -25.27 19.61 9.50
CA LYS C 280 -26.19 18.66 8.88
C LYS C 280 -26.30 17.34 9.64
N TYR C 281 -25.35 17.10 10.53
CA TYR C 281 -25.32 15.87 11.32
C TYR C 281 -25.91 15.98 12.71
N LEU C 282 -25.94 17.21 13.27
CA LEU C 282 -26.43 17.44 14.64
C LEU C 282 -27.79 16.81 14.88
N PRO C 283 -28.73 16.90 13.94
CA PRO C 283 -30.03 16.28 14.17
C PRO C 283 -29.88 14.76 14.31
N GLU C 284 -29.06 14.16 13.43
CA GLU C 284 -28.79 12.72 13.45
C GLU C 284 -28.14 12.31 14.77
N LEU C 285 -27.10 13.03 15.14
CA LEU C 285 -26.41 12.75 16.39
C LEU C 285 -27.35 13.02 17.58
N LYS C 286 -28.22 14.03 17.43
CA LYS C 286 -29.21 14.41 18.45
C LYS C 286 -30.09 13.19 18.70
N ALA C 287 -30.69 12.75 17.59
CA ALA C 287 -31.57 11.61 17.58
C ALA C 287 -30.88 10.38 18.18
N LEU C 288 -29.61 10.20 17.86
CA LEU C 288 -28.86 9.07 18.40
C LEU C 288 -28.77 9.09 19.92
N ALA C 289 -28.29 10.20 20.49
CA ALA C 289 -28.15 10.32 21.94
C ALA C 289 -29.45 10.04 22.69
N GLN C 290 -30.58 10.42 22.11
CA GLN C 290 -31.88 10.18 22.72
C GLN C 290 -32.18 8.69 22.78
N GLN C 291 -32.16 8.05 21.62
CA GLN C 291 -32.43 6.62 21.54
C GLN C 291 -31.53 5.85 22.51
N LEU C 292 -30.24 6.19 22.53
CA LEU C 292 -29.30 5.52 23.40
C LEU C 292 -29.66 5.64 24.87
N MET C 293 -30.19 6.79 25.25
CA MET C 293 -30.59 7.01 26.63
C MET C 293 -32.06 6.58 26.75
N GLN C 294 -32.24 5.26 26.78
CA GLN C 294 -33.51 4.54 26.89
C GLN C 294 -33.35 3.19 26.19
N ASN D 4 24.04 -2.67 -27.92
CA ASN D 4 23.43 -2.77 -29.27
C ASN D 4 21.89 -2.76 -29.26
N LEU D 5 21.29 -3.16 -28.14
CA LEU D 5 19.83 -3.14 -28.00
C LEU D 5 19.43 -1.78 -27.43
N ARG D 6 20.42 -0.96 -27.10
CA ARG D 6 20.19 0.39 -26.55
C ARG D 6 19.40 1.33 -27.48
N GLY D 7 18.69 2.29 -26.91
CA GLY D 7 17.96 3.21 -27.75
C GLY D 7 16.59 3.55 -27.27
N VAL D 8 15.82 4.21 -28.15
CA VAL D 8 14.46 4.61 -27.88
C VAL D 8 13.56 3.69 -28.69
N MET D 9 12.99 2.70 -28.02
CA MET D 9 12.10 1.70 -28.63
C MET D 9 10.65 2.03 -28.29
N ALA D 10 9.74 1.95 -29.25
CA ALA D 10 8.32 2.23 -28.99
C ALA D 10 7.51 0.99 -28.64
N ALA D 11 6.65 1.10 -27.64
CA ALA D 11 5.83 -0.02 -27.27
C ALA D 11 4.61 0.04 -28.21
N LEU D 12 4.72 -0.71 -29.30
CA LEU D 12 3.69 -0.77 -30.34
C LEU D 12 2.27 -1.03 -29.84
N LEU D 13 1.30 -0.29 -30.37
CA LEU D 13 -0.12 -0.43 -30.04
C LEU D 13 -0.69 -1.48 -31.01
N THR D 14 -1.78 -2.15 -30.70
CA THR D 14 -2.31 -3.07 -31.71
C THR D 14 -3.69 -2.59 -32.17
N PRO D 15 -3.77 -2.15 -33.44
CA PRO D 15 -5.00 -1.66 -34.04
C PRO D 15 -6.02 -2.76 -34.26
N PHE D 16 -7.24 -2.53 -33.80
CA PHE D 16 -8.36 -3.47 -33.93
C PHE D 16 -9.40 -2.83 -34.86
N ASP D 17 -10.28 -3.65 -35.42
CA ASP D 17 -11.30 -3.16 -36.32
C ASP D 17 -12.65 -3.04 -35.58
N GLN D 18 -13.71 -2.66 -36.30
CA GLN D 18 -15.04 -2.51 -35.70
C GLN D 18 -15.48 -3.77 -34.98
N GLN D 19 -15.04 -4.92 -35.51
CA GLN D 19 -15.33 -6.24 -34.95
C GLN D 19 -14.35 -6.61 -33.83
N GLN D 20 -13.45 -5.68 -33.50
CA GLN D 20 -12.44 -5.84 -32.47
C GLN D 20 -11.43 -6.93 -32.75
N ALA D 21 -11.29 -7.22 -34.03
CA ALA D 21 -10.34 -8.20 -34.52
C ALA D 21 -9.12 -7.36 -34.89
N LEU D 22 -7.99 -8.00 -35.16
CA LEU D 22 -6.78 -7.26 -35.50
C LEU D 22 -7.01 -6.57 -36.82
N ASP D 23 -6.48 -5.35 -36.94
CA ASP D 23 -6.55 -4.56 -38.15
C ASP D 23 -5.11 -4.63 -38.74
N LYS D 24 -4.87 -5.64 -39.57
CA LYS D 24 -3.53 -5.85 -40.17
C LYS D 24 -2.98 -4.68 -40.93
N ALA D 25 -3.86 -3.98 -41.66
CA ALA D 25 -3.49 -2.83 -42.46
C ALA D 25 -3.02 -1.67 -41.61
N SER D 26 -3.75 -1.40 -40.53
CA SER D 26 -3.40 -0.34 -39.60
C SER D 26 -2.12 -0.77 -38.89
N LEU D 27 -2.03 -2.05 -38.51
CA LEU D 27 -0.81 -2.55 -37.84
C LEU D 27 0.38 -2.15 -38.68
N ARG D 28 0.31 -2.51 -39.97
CA ARG D 28 1.37 -2.22 -40.95
C ARG D 28 1.64 -0.73 -41.10
N ARG D 29 0.56 0.06 -41.08
CA ARG D 29 0.64 1.52 -41.15
C ARG D 29 1.39 2.02 -39.90
N LEU D 30 1.03 1.44 -38.75
CA LEU D 30 1.62 1.82 -37.46
C LEU D 30 3.10 1.47 -37.40
N VAL D 31 3.44 0.26 -37.82
CA VAL D 31 4.82 -0.14 -37.82
C VAL D 31 5.60 0.83 -38.67
N GLN D 32 5.17 0.98 -39.92
CA GLN D 32 5.87 1.90 -40.81
C GLN D 32 5.95 3.34 -40.30
N PHE D 33 4.84 3.82 -39.73
CA PHE D 33 4.76 5.17 -39.18
C PHE D 33 5.83 5.38 -38.08
N ASN D 34 6.07 4.35 -37.29
CA ASN D 34 7.06 4.44 -36.24
C ASN D 34 8.45 4.44 -36.87
N ILE D 35 8.65 3.59 -37.85
CA ILE D 35 9.92 3.52 -38.53
C ILE D 35 10.15 4.93 -39.07
N GLN D 36 9.18 5.42 -39.84
CA GLN D 36 9.26 6.75 -40.45
C GLN D 36 9.67 7.84 -39.46
N GLN D 37 9.11 7.81 -38.26
CA GLN D 37 9.44 8.82 -37.26
C GLN D 37 10.83 8.64 -36.60
N GLY D 38 11.63 7.75 -37.17
CA GLY D 38 12.97 7.54 -36.63
C GLY D 38 13.15 6.84 -35.31
N ILE D 39 12.29 5.87 -35.03
CA ILE D 39 12.40 5.11 -33.79
C ILE D 39 13.55 4.09 -33.96
N ASP D 40 14.21 3.74 -32.86
CA ASP D 40 15.30 2.76 -32.93
C ASP D 40 14.82 1.30 -33.03
N GLY D 41 13.59 1.05 -32.58
CA GLY D 41 13.04 -0.27 -32.61
C GLY D 41 11.63 -0.31 -32.07
N LEU D 42 11.07 -1.51 -31.99
CA LEU D 42 9.73 -1.69 -31.50
C LEU D 42 9.69 -2.81 -30.48
N TYR D 43 8.90 -2.62 -29.43
CA TYR D 43 8.68 -3.59 -28.37
C TYR D 43 7.26 -4.04 -28.65
N VAL D 44 7.13 -5.23 -29.22
CA VAL D 44 5.81 -5.71 -29.60
C VAL D 44 5.08 -6.71 -28.71
N GLY D 45 3.76 -6.56 -28.64
CA GLY D 45 2.95 -7.44 -27.82
C GLY D 45 3.11 -7.22 -26.33
N GLY D 46 3.42 -6.00 -25.92
CA GLY D 46 3.58 -5.70 -24.49
C GLY D 46 2.21 -5.34 -23.91
N SER D 47 2.21 -4.64 -22.79
CA SER D 47 0.97 -4.21 -22.16
C SER D 47 0.23 -3.24 -23.09
N THR D 48 1.00 -2.31 -23.67
CA THR D 48 0.52 -1.30 -24.61
C THR D 48 -0.07 -1.96 -25.85
N GLY D 49 0.45 -3.12 -26.18
CA GLY D 49 -0.05 -3.86 -27.30
C GLY D 49 -1.29 -4.65 -26.90
N GLU D 50 -1.77 -4.43 -25.68
CA GLU D 50 -2.96 -5.15 -25.21
C GLU D 50 -2.84 -6.69 -25.26
N ALA D 51 -1.62 -7.17 -25.04
CA ALA D 51 -1.32 -8.58 -25.06
C ALA D 51 -2.22 -9.37 -24.12
N PHE D 52 -2.40 -8.81 -22.93
CA PHE D 52 -3.16 -9.47 -21.89
C PHE D 52 -4.62 -9.50 -22.15
N VAL D 53 -5.01 -9.07 -23.33
CA VAL D 53 -6.42 -9.13 -23.63
C VAL D 53 -6.60 -9.80 -25.03
N GLN D 54 -5.56 -10.53 -25.47
CA GLN D 54 -5.58 -11.25 -26.74
C GLN D 54 -4.95 -12.63 -26.53
N SER D 55 -5.22 -13.57 -27.44
CA SER D 55 -4.72 -14.95 -27.37
C SER D 55 -3.31 -15.12 -27.90
N LEU D 56 -2.70 -16.28 -27.64
CA LEU D 56 -1.33 -16.56 -28.11
C LEU D 56 -1.25 -16.47 -29.63
N SER D 57 -2.23 -17.04 -30.30
CA SER D 57 -2.26 -16.96 -31.75
C SER D 57 -2.42 -15.52 -32.20
N GLU D 58 -3.28 -14.76 -31.54
CA GLU D 58 -3.44 -13.38 -31.94
C GLU D 58 -2.16 -12.68 -31.68
N ARG D 59 -1.51 -13.08 -30.59
CA ARG D 59 -0.23 -12.49 -30.20
C ARG D 59 0.87 -12.82 -31.19
N GLU D 60 0.90 -14.07 -31.68
CA GLU D 60 1.93 -14.48 -32.64
C GLU D 60 1.68 -13.83 -33.98
N GLN D 61 0.41 -13.68 -34.31
CA GLN D 61 0.05 -13.06 -35.56
C GLN D 61 0.61 -11.65 -35.65
N VAL D 62 0.55 -10.93 -34.54
CA VAL D 62 1.09 -9.60 -34.54
C VAL D 62 2.62 -9.66 -34.72
N LEU D 63 3.31 -10.55 -34.01
CA LEU D 63 4.77 -10.66 -34.10
C LEU D 63 5.22 -10.93 -35.53
N GLU D 64 4.53 -11.85 -36.17
CA GLU D 64 4.83 -12.21 -37.53
C GLU D 64 4.70 -11.05 -38.50
N ILE D 65 3.60 -10.29 -38.39
CA ILE D 65 3.37 -9.14 -39.26
C ILE D 65 4.39 -8.05 -39.00
N VAL D 66 4.56 -7.60 -37.77
CA VAL D 66 5.56 -6.56 -37.62
C VAL D 66 6.94 -7.04 -38.07
N ALA D 67 7.24 -8.34 -37.91
CA ALA D 67 8.55 -8.83 -38.37
C ALA D 67 8.67 -8.69 -39.89
N GLU D 68 7.58 -8.96 -40.62
CA GLU D 68 7.55 -8.81 -42.09
C GLU D 68 7.77 -7.33 -42.45
N GLU D 69 7.16 -6.44 -41.69
CA GLU D 69 7.28 -5.01 -41.92
C GLU D 69 8.60 -4.41 -41.48
N GLY D 70 9.00 -4.73 -40.26
CA GLY D 70 10.22 -4.13 -39.73
C GLY D 70 11.51 -4.91 -39.67
N LYS D 71 11.49 -6.23 -39.80
CA LYS D 71 12.72 -7.00 -39.68
C LYS D 71 13.85 -6.42 -40.54
N GLY D 72 15.02 -6.28 -39.93
CA GLY D 72 16.14 -5.75 -40.67
C GLY D 72 16.22 -4.23 -40.73
N LYS D 73 15.11 -3.52 -40.55
CA LYS D 73 15.08 -2.07 -40.59
C LYS D 73 15.31 -1.39 -39.22
N ILE D 74 14.87 -2.05 -38.14
CA ILE D 74 15.00 -1.53 -36.76
C ILE D 74 15.03 -2.73 -35.83
N LYS D 75 15.28 -2.50 -34.53
CA LYS D 75 15.33 -3.60 -33.56
C LYS D 75 13.91 -3.99 -33.18
N LEU D 76 13.68 -5.29 -33.05
CA LEU D 76 12.37 -5.80 -32.71
C LEU D 76 12.53 -6.69 -31.50
N ILE D 77 11.85 -6.34 -30.43
CA ILE D 77 11.86 -7.10 -29.17
C ILE D 77 10.42 -7.59 -29.05
N ALA D 78 10.26 -8.88 -28.92
CA ALA D 78 8.95 -9.47 -28.79
C ALA D 78 8.63 -9.71 -27.33
N HIS D 79 7.59 -9.07 -26.82
CA HIS D 79 7.20 -9.34 -25.45
C HIS D 79 6.47 -10.67 -25.55
N VAL D 80 7.02 -11.64 -24.87
CA VAL D 80 6.60 -13.02 -24.85
C VAL D 80 5.94 -13.49 -23.53
N GLY D 81 6.05 -12.67 -22.50
CA GLY D 81 5.53 -13.08 -21.22
C GLY D 81 4.06 -13.29 -21.09
N CYS D 82 3.72 -14.33 -20.34
CA CYS D 82 2.36 -14.71 -19.95
C CYS D 82 2.48 -15.11 -18.47
N VAL D 83 1.39 -15.46 -17.80
CA VAL D 83 1.48 -15.89 -16.40
C VAL D 83 2.14 -17.26 -16.48
N THR D 84 1.74 -18.02 -17.51
CA THR D 84 2.26 -19.36 -17.79
C THR D 84 3.66 -19.36 -18.43
N THR D 85 4.56 -20.20 -17.92
CA THR D 85 5.89 -20.33 -18.48
C THR D 85 5.77 -21.03 -19.82
N ALA D 86 4.95 -22.08 -19.88
CA ALA D 86 4.72 -22.84 -21.08
C ALA D 86 4.19 -21.96 -22.20
N GLU D 87 3.27 -21.06 -21.88
CA GLU D 87 2.74 -20.14 -22.90
C GLU D 87 3.82 -19.18 -23.34
N SER D 88 4.62 -18.73 -22.38
CA SER D 88 5.71 -17.81 -22.66
C SER D 88 6.76 -18.45 -23.55
N GLN D 89 7.07 -19.73 -23.27
CA GLN D 89 8.06 -20.52 -24.04
C GLN D 89 7.62 -20.65 -25.49
N GLN D 90 6.34 -20.90 -25.70
CA GLN D 90 5.81 -21.02 -27.06
C GLN D 90 5.99 -19.73 -27.85
N LEU D 91 5.74 -18.62 -27.19
CA LEU D 91 5.86 -17.32 -27.79
C LEU D 91 7.35 -17.02 -28.02
N ALA D 92 8.20 -17.42 -27.08
CA ALA D 92 9.66 -17.22 -27.18
C ALA D 92 10.20 -17.86 -28.47
N ALA D 93 9.68 -19.03 -28.80
CA ALA D 93 10.10 -19.80 -29.98
C ALA D 93 9.65 -19.14 -31.27
N SER D 94 8.42 -18.64 -31.30
CA SER D 94 7.89 -17.94 -32.46
C SER D 94 8.70 -16.68 -32.75
N ALA D 95 8.99 -15.89 -31.71
CA ALA D 95 9.77 -14.68 -31.89
C ALA D 95 11.07 -15.09 -32.55
N LYS D 96 11.67 -16.16 -32.06
CA LYS D 96 12.89 -16.65 -32.65
C LYS D 96 12.68 -16.99 -34.11
N ARG D 97 11.62 -17.72 -34.37
CA ARG D 97 11.27 -18.14 -35.71
C ARG D 97 11.03 -16.96 -36.66
N TYR D 98 10.44 -15.89 -36.13
CA TYR D 98 10.14 -14.68 -36.93
C TYR D 98 11.33 -13.77 -37.10
N GLY D 99 12.37 -14.00 -36.32
CA GLY D 99 13.57 -13.18 -36.46
C GLY D 99 13.61 -11.94 -35.60
N PHE D 100 13.06 -12.02 -34.39
CA PHE D 100 13.10 -10.90 -33.49
C PHE D 100 14.50 -10.86 -32.90
N ASP D 101 14.95 -9.67 -32.50
CA ASP D 101 16.29 -9.51 -31.96
C ASP D 101 16.44 -9.94 -30.53
N ALA D 102 15.35 -9.84 -29.79
CA ALA D 102 15.40 -10.24 -28.42
C ALA D 102 13.99 -10.63 -28.01
N VAL D 103 13.87 -11.15 -26.82
CA VAL D 103 12.61 -11.58 -26.28
C VAL D 103 12.49 -10.83 -24.92
N SER D 104 11.28 -10.66 -24.40
CA SER D 104 11.07 -10.00 -23.10
C SER D 104 9.84 -10.63 -22.43
N ALA D 105 9.68 -10.45 -21.10
CA ALA D 105 8.54 -11.01 -20.35
C ALA D 105 8.33 -10.29 -19.03
N VAL D 106 7.08 -9.98 -18.71
CA VAL D 106 6.79 -9.32 -17.43
C VAL D 106 6.96 -10.40 -16.40
N THR D 107 7.21 -9.97 -15.17
CA THR D 107 7.31 -10.86 -14.03
C THR D 107 5.87 -11.40 -13.98
N PRO D 108 5.70 -12.74 -14.07
CA PRO D 108 4.36 -13.33 -14.03
C PRO D 108 3.46 -12.78 -12.89
N PHE D 109 2.17 -12.58 -13.19
CA PHE D 109 1.27 -11.98 -12.24
C PHE D 109 0.05 -12.76 -11.73
N TYR D 110 -0.79 -12.05 -10.97
CA TYR D 110 -2.03 -12.56 -10.34
C TYR D 110 -1.70 -13.47 -9.18
N TYR D 111 -1.03 -14.58 -9.45
CA TYR D 111 -0.65 -15.48 -8.37
C TYR D 111 0.72 -15.07 -7.86
N PRO D 112 0.90 -15.05 -6.54
CA PRO D 112 2.20 -14.68 -5.96
C PRO D 112 3.20 -15.83 -6.10
N PHE D 113 4.31 -15.57 -6.80
CA PHE D 113 5.33 -16.58 -6.99
C PHE D 113 6.56 -16.15 -6.22
N SER D 114 7.31 -17.13 -5.74
CA SER D 114 8.54 -16.88 -4.98
C SER D 114 9.50 -16.21 -5.91
N PHE D 115 10.65 -15.76 -5.39
CA PHE D 115 11.61 -15.12 -6.27
C PHE D 115 12.31 -16.20 -7.10
N GLU D 116 12.41 -17.39 -6.50
CA GLU D 116 13.04 -18.55 -7.14
C GLU D 116 12.18 -19.00 -8.32
N GLU D 117 10.86 -18.92 -8.14
CA GLU D 117 9.95 -19.29 -9.21
C GLU D 117 10.03 -18.27 -10.32
N HIS D 118 10.30 -17.01 -9.98
CA HIS D 118 10.44 -15.96 -10.98
C HIS D 118 11.70 -16.20 -11.83
N CYS D 119 12.79 -16.58 -11.15
CA CYS D 119 14.05 -16.88 -11.84
C CYS D 119 13.92 -18.06 -12.77
N ASP D 120 13.32 -19.15 -12.30
CA ASP D 120 13.17 -20.31 -13.15
C ASP D 120 12.26 -20.03 -14.36
N HIS D 121 11.36 -19.06 -14.21
CA HIS D 121 10.43 -18.67 -15.28
C HIS D 121 11.28 -18.06 -16.39
N TYR D 122 12.15 -17.15 -15.99
CA TYR D 122 13.01 -16.46 -16.94
C TYR D 122 14.01 -17.42 -17.56
N ARG D 123 14.46 -18.36 -16.76
CA ARG D 123 15.41 -19.32 -17.25
C ARG D 123 14.76 -20.17 -18.35
N ALA D 124 13.53 -20.61 -18.09
CA ALA D 124 12.80 -21.46 -19.05
C ALA D 124 12.48 -20.73 -20.31
N ILE D 125 12.11 -19.46 -20.18
CA ILE D 125 11.77 -18.66 -21.35
C ILE D 125 13.03 -18.38 -22.20
N ILE D 126 14.11 -18.00 -21.53
CA ILE D 126 15.41 -17.75 -22.17
C ILE D 126 15.82 -19.01 -22.95
N ASP D 127 15.69 -20.17 -22.33
CA ASP D 127 15.98 -21.45 -22.98
C ASP D 127 15.25 -21.49 -24.32
N SER D 128 13.95 -21.29 -24.28
CA SER D 128 13.13 -21.28 -25.47
C SER D 128 13.49 -20.19 -26.51
N ALA D 129 14.07 -19.09 -26.06
CA ALA D 129 14.47 -17.97 -26.92
C ALA D 129 15.58 -18.43 -27.86
N ASP D 130 16.34 -19.40 -27.38
CA ASP D 130 17.36 -19.99 -28.18
C ASP D 130 18.32 -18.99 -28.74
N GLY D 131 18.81 -18.09 -27.91
CA GLY D 131 19.75 -17.10 -28.40
C GLY D 131 19.30 -15.65 -28.30
N LEU D 132 18.06 -15.34 -28.66
CA LEU D 132 17.55 -13.98 -28.57
C LEU D 132 17.66 -13.54 -27.09
N PRO D 133 18.36 -12.42 -26.83
CA PRO D 133 18.51 -11.95 -25.45
C PRO D 133 17.22 -11.56 -24.80
N MET D 134 17.18 -11.75 -23.48
CA MET D 134 16.00 -11.44 -22.66
C MET D 134 16.08 -10.06 -22.01
N VAL D 135 14.97 -9.33 -22.06
CA VAL D 135 14.82 -8.01 -21.43
C VAL D 135 13.83 -8.24 -20.28
N VAL D 136 14.33 -8.21 -19.04
CA VAL D 136 13.44 -8.40 -17.91
C VAL D 136 12.48 -7.18 -17.87
N TYR D 137 11.19 -7.45 -17.70
CA TYR D 137 10.20 -6.37 -17.71
C TYR D 137 9.61 -6.19 -16.35
N ASN D 138 9.99 -5.07 -15.74
CA ASN D 138 9.58 -4.70 -14.39
C ASN D 138 8.60 -3.53 -14.34
N ILE D 139 7.35 -3.84 -13.98
CA ILE D 139 6.27 -2.86 -13.86
C ILE D 139 5.45 -3.21 -12.61
N PRO D 140 6.01 -2.92 -11.43
CA PRO D 140 5.37 -3.19 -10.13
C PRO D 140 3.92 -2.75 -10.07
N ALA D 141 3.65 -1.58 -10.63
CA ALA D 141 2.32 -1.02 -10.66
C ALA D 141 1.26 -1.88 -11.32
N LEU D 142 1.64 -2.68 -12.30
CA LEU D 142 0.63 -3.51 -12.93
C LEU D 142 0.74 -4.97 -12.53
N SER D 143 1.96 -5.45 -12.42
CA SER D 143 2.18 -6.83 -12.07
C SER D 143 1.87 -7.08 -10.61
N GLY D 144 2.11 -6.04 -9.82
CA GLY D 144 1.93 -6.17 -8.38
C GLY D 144 3.15 -6.92 -7.86
N VAL D 145 4.19 -7.03 -8.69
CA VAL D 145 5.36 -7.74 -8.26
C VAL D 145 6.41 -6.72 -7.87
N LYS D 146 6.61 -6.65 -6.56
CA LYS D 146 7.55 -5.76 -5.92
C LYS D 146 8.91 -6.45 -5.62
N LEU D 147 9.79 -6.48 -6.61
CA LEU D 147 11.11 -7.10 -6.41
C LEU D 147 12.08 -6.12 -5.72
N THR D 148 13.05 -6.65 -5.00
CA THR D 148 14.05 -5.82 -4.34
C THR D 148 15.21 -5.54 -5.31
N LEU D 149 16.13 -4.66 -4.93
CA LEU D 149 17.27 -4.37 -5.81
C LEU D 149 18.04 -5.65 -5.99
N ASP D 150 18.25 -6.37 -4.89
CA ASP D 150 18.97 -7.63 -4.93
C ASP D 150 18.36 -8.62 -5.88
N GLN D 151 17.04 -8.75 -5.83
CA GLN D 151 16.35 -9.67 -6.72
C GLN D 151 16.55 -9.20 -8.14
N ILE D 152 16.48 -7.89 -8.32
CA ILE D 152 16.68 -7.30 -9.64
C ILE D 152 18.10 -7.56 -10.12
N ASN D 153 19.09 -7.46 -9.23
CA ASN D 153 20.48 -7.71 -9.61
C ASN D 153 20.68 -9.13 -10.03
N THR D 154 19.94 -10.05 -9.40
CA THR D 154 20.01 -11.48 -9.70
C THR D 154 19.42 -11.74 -11.06
N LEU D 155 18.21 -11.24 -11.26
CA LEU D 155 17.55 -11.43 -12.54
C LEU D 155 18.41 -10.86 -13.67
N VAL D 156 18.81 -9.62 -13.51
CA VAL D 156 19.57 -8.93 -14.52
C VAL D 156 20.92 -9.61 -14.83
N THR D 157 21.36 -10.51 -13.96
CA THR D 157 22.62 -11.19 -14.21
C THR D 157 22.44 -12.62 -14.68
N LEU D 158 21.18 -13.04 -14.75
CA LEU D 158 20.85 -14.37 -15.21
C LEU D 158 21.45 -14.52 -16.63
N PRO D 159 22.24 -15.58 -16.86
CA PRO D 159 22.83 -15.77 -18.19
C PRO D 159 21.69 -15.81 -19.22
N GLY D 160 21.79 -14.99 -20.24
CA GLY D 160 20.75 -14.92 -21.25
C GLY D 160 20.06 -13.57 -21.26
N VAL D 161 20.13 -12.85 -20.14
CA VAL D 161 19.48 -11.54 -20.01
C VAL D 161 20.34 -10.44 -20.58
N GLY D 162 19.77 -9.63 -21.45
CA GLY D 162 20.52 -8.56 -22.05
C GLY D 162 20.07 -7.16 -21.68
N ALA D 163 18.94 -7.03 -21.01
CA ALA D 163 18.41 -5.71 -20.67
C ALA D 163 17.37 -5.76 -19.57
N LEU D 164 17.08 -4.57 -19.04
CA LEU D 164 16.09 -4.41 -18.03
C LEU D 164 15.21 -3.29 -18.52
N LYS D 165 13.90 -3.50 -18.48
CA LYS D 165 12.92 -2.48 -18.83
C LYS D 165 12.35 -2.03 -17.49
N GLN D 166 12.89 -0.92 -16.99
CA GLN D 166 12.49 -0.38 -15.71
C GLN D 166 11.26 0.52 -15.76
N THR D 167 10.08 -0.06 -15.52
CA THR D 167 8.89 0.76 -15.49
C THR D 167 8.65 1.05 -14.03
N SER D 168 9.46 1.97 -13.52
CA SER D 168 9.38 2.40 -12.14
C SER D 168 9.89 3.82 -12.06
N GLY D 169 9.26 4.60 -11.19
CA GLY D 169 9.64 5.98 -11.03
C GLY D 169 10.66 6.21 -9.93
N ASP D 170 11.23 5.12 -9.39
CA ASP D 170 12.23 5.20 -8.34
C ASP D 170 13.59 5.43 -8.98
N LEU D 171 13.92 6.70 -9.16
CA LEU D 171 15.18 7.05 -9.79
C LEU D 171 16.44 6.84 -8.94
N TYR D 172 16.24 6.51 -7.67
CA TYR D 172 17.37 6.20 -6.80
C TYR D 172 17.75 4.80 -7.28
N GLN D 173 16.76 3.90 -7.33
CA GLN D 173 16.98 2.53 -7.79
C GLN D 173 17.53 2.50 -9.21
N MET D 174 16.95 3.32 -10.10
CA MET D 174 17.44 3.42 -11.48
C MET D 174 18.95 3.61 -11.50
N GLU D 175 19.47 4.45 -10.61
CA GLU D 175 20.89 4.69 -10.60
C GLU D 175 21.68 3.61 -9.90
N GLN D 176 21.12 2.98 -8.88
CA GLN D 176 21.84 1.91 -8.19
C GLN D 176 22.01 0.78 -9.18
N ILE D 177 20.96 0.51 -9.98
CA ILE D 177 21.00 -0.53 -11.01
C ILE D 177 22.15 -0.19 -11.96
N ARG D 178 22.24 1.07 -12.38
CA ARG D 178 23.30 1.49 -13.27
C ARG D 178 24.71 1.37 -12.62
N ARG D 179 24.78 1.70 -11.34
CA ARG D 179 26.01 1.65 -10.60
C ARG D 179 26.45 0.21 -10.47
N GLU D 180 25.49 -0.69 -10.38
CA GLU D 180 25.79 -2.10 -10.23
C GLU D 180 25.99 -2.83 -11.55
N HIS D 181 25.41 -2.34 -12.64
CA HIS D 181 25.52 -2.97 -13.94
C HIS D 181 25.83 -1.93 -14.99
N PRO D 182 27.05 -1.38 -14.93
CA PRO D 182 27.50 -0.37 -15.86
C PRO D 182 27.27 -0.68 -17.32
N ASP D 183 27.19 -1.94 -17.67
CA ASP D 183 27.00 -2.28 -19.08
C ASP D 183 25.57 -2.64 -19.47
N LEU D 184 24.71 -2.71 -18.46
CA LEU D 184 23.33 -3.11 -18.68
C LEU D 184 22.51 -2.17 -19.52
N VAL D 185 21.81 -2.75 -20.49
CA VAL D 185 20.91 -1.96 -21.30
C VAL D 185 19.72 -1.70 -20.36
N LEU D 186 19.58 -0.43 -19.96
CA LEU D 186 18.54 0.02 -19.04
C LEU D 186 17.50 0.90 -19.75
N TYR D 187 16.27 0.41 -19.84
CA TYR D 187 15.21 1.18 -20.47
C TYR D 187 14.36 1.88 -19.42
N ASN D 188 14.16 3.19 -19.62
CA ASN D 188 13.32 4.00 -18.74
C ASN D 188 11.91 3.67 -19.15
N GLY D 189 11.13 3.17 -18.20
CA GLY D 189 9.77 2.77 -18.51
C GLY D 189 8.68 3.82 -18.43
N TYR D 190 8.83 4.84 -17.60
CA TYR D 190 7.81 5.90 -17.52
C TYR D 190 8.17 7.10 -18.38
N ASP D 191 7.41 7.30 -19.44
CA ASP D 191 7.65 8.40 -20.35
C ASP D 191 7.74 9.77 -19.65
N GLU D 192 6.83 9.99 -18.70
CA GLU D 192 6.71 11.21 -17.88
C GLU D 192 7.99 11.68 -17.22
N ILE D 193 8.92 10.78 -16.97
CA ILE D 193 10.17 11.13 -16.31
C ILE D 193 11.37 10.70 -17.14
N PHE D 194 11.18 10.55 -18.45
CA PHE D 194 12.24 10.14 -19.37
C PHE D 194 13.57 10.86 -19.19
N ALA D 195 13.56 12.18 -19.28
CA ALA D 195 14.79 12.97 -19.13
C ALA D 195 15.45 12.69 -17.77
N SER D 196 14.65 12.65 -16.71
CA SER D 196 15.12 12.36 -15.36
C SER D 196 15.70 10.93 -15.26
N GLY D 197 15.01 9.98 -15.91
CA GLY D 197 15.45 8.59 -15.93
C GLY D 197 16.80 8.45 -16.62
N LEU D 198 16.98 9.10 -17.75
CA LEU D 198 18.28 9.03 -18.44
C LEU D 198 19.34 9.65 -17.53
N LEU D 199 19.11 10.85 -17.00
CA LEU D 199 20.10 11.44 -16.10
C LEU D 199 20.49 10.51 -14.94
N ALA D 200 19.55 9.72 -14.45
CA ALA D 200 19.79 8.78 -13.35
C ALA D 200 20.60 7.51 -13.74
N GLY D 201 20.48 7.09 -14.99
CA GLY D 201 21.20 5.90 -15.40
C GLY D 201 20.63 5.14 -16.58
N ALA D 202 19.37 5.39 -16.96
CA ALA D 202 18.76 4.72 -18.11
C ALA D 202 19.55 5.14 -19.34
N ASP D 203 19.68 4.25 -20.31
CA ASP D 203 20.42 4.61 -21.49
C ASP D 203 19.56 4.59 -22.71
N GLY D 204 18.24 4.56 -22.48
CA GLY D 204 17.27 4.56 -23.58
C GLY D 204 15.91 4.41 -22.98
N GLY D 205 14.91 4.04 -23.77
CA GLY D 205 13.59 3.88 -23.21
C GLY D 205 12.64 3.13 -24.11
N ILE D 206 11.56 2.62 -23.52
CA ILE D 206 10.49 1.94 -24.26
C ILE D 206 9.20 2.55 -23.67
N GLY D 207 8.26 2.92 -24.53
CA GLY D 207 7.05 3.52 -24.00
C GLY D 207 6.00 3.66 -25.07
N SER D 208 4.74 3.81 -24.64
CA SER D 208 3.63 3.94 -25.55
C SER D 208 3.51 5.27 -26.28
N THR D 209 3.83 6.37 -25.61
CA THR D 209 3.69 7.69 -26.24
C THR D 209 4.65 7.89 -27.40
N TYR D 210 5.69 7.06 -27.46
CA TYR D 210 6.68 7.13 -28.55
C TYR D 210 6.01 6.88 -29.90
N ASN D 211 4.85 6.22 -29.90
CA ASN D 211 4.09 5.94 -31.12
C ASN D 211 3.67 7.20 -31.85
N ILE D 212 3.34 8.25 -31.10
CA ILE D 212 2.88 9.52 -31.68
C ILE D 212 3.88 10.69 -31.66
N MET D 213 4.87 10.64 -30.77
CA MET D 213 5.85 11.72 -30.72
C MET D 213 7.26 11.20 -30.43
N GLY D 214 7.58 10.02 -30.95
CA GLY D 214 8.88 9.42 -30.67
C GLY D 214 10.09 10.31 -30.87
N TRP D 215 9.98 11.20 -31.85
CA TRP D 215 11.04 12.13 -32.17
C TRP D 215 11.46 13.01 -30.98
N ARG D 216 10.48 13.34 -30.12
CA ARG D 216 10.74 14.17 -28.93
C ARG D 216 11.66 13.44 -27.97
N TYR D 217 11.45 12.14 -27.83
CA TYR D 217 12.30 11.37 -26.93
C TYR D 217 13.70 11.28 -27.48
N GLN D 218 13.80 11.19 -28.81
CA GLN D 218 15.11 11.13 -29.48
C GLN D 218 15.74 12.49 -29.25
N GLY D 219 14.93 13.54 -29.34
CA GLY D 219 15.38 14.90 -29.12
C GLY D 219 15.98 15.04 -27.74
N ILE D 220 15.21 14.67 -26.71
CA ILE D 220 15.67 14.74 -25.33
C ILE D 220 17.00 14.02 -25.18
N VAL D 221 17.16 12.92 -25.91
CA VAL D 221 18.36 12.13 -25.87
C VAL D 221 19.56 12.90 -26.42
N LYS D 222 19.40 13.56 -27.57
CA LYS D 222 20.52 14.31 -28.14
C LYS D 222 20.89 15.46 -27.22
N ALA D 223 19.88 16.27 -26.86
CA ALA D 223 20.08 17.42 -25.99
C ALA D 223 20.90 17.06 -24.76
N LEU D 224 20.50 15.98 -24.09
CA LEU D 224 21.24 15.59 -22.89
C LEU D 224 22.66 15.25 -23.28
N LYS D 225 22.85 14.71 -24.47
CA LYS D 225 24.18 14.35 -24.95
C LYS D 225 24.97 15.62 -25.23
N GLU D 226 24.30 16.60 -25.85
CA GLU D 226 24.92 17.87 -26.20
C GLU D 226 24.87 18.85 -25.03
N GLY D 227 24.82 18.34 -23.82
CA GLY D 227 24.79 19.20 -22.64
C GLY D 227 23.76 20.32 -22.63
N ASP D 228 22.65 20.15 -23.33
CA ASP D 228 21.60 21.16 -23.39
C ASP D 228 20.35 20.80 -22.56
N ILE D 229 20.41 21.03 -21.25
CA ILE D 229 19.27 20.72 -20.39
C ILE D 229 18.02 21.55 -20.69
N GLN D 230 18.21 22.69 -21.34
CA GLN D 230 17.10 23.58 -21.70
C GLN D 230 16.14 22.92 -22.69
N THR D 231 16.67 22.34 -23.75
CA THR D 231 15.78 21.69 -24.71
C THR D 231 15.33 20.36 -24.14
N ALA D 232 16.20 19.73 -23.33
CA ALA D 232 15.86 18.47 -22.68
C ALA D 232 14.59 18.71 -21.84
N GLN D 233 14.66 19.68 -20.92
CA GLN D 233 13.49 20.02 -20.08
C GLN D 233 12.29 20.50 -20.89
N LYS D 234 12.54 21.32 -21.90
CA LYS D 234 11.47 21.81 -22.75
C LYS D 234 10.75 20.64 -23.42
N LEU D 235 11.53 19.73 -24.02
CA LEU D 235 10.97 18.57 -24.70
C LEU D 235 10.16 17.76 -23.74
N GLN D 236 10.70 17.57 -22.52
CA GLN D 236 10.00 16.79 -21.51
C GLN D 236 8.66 17.35 -21.09
N THR D 237 8.56 18.68 -20.90
CA THR D 237 7.28 19.26 -20.49
C THR D 237 6.26 19.18 -21.61
N GLU D 238 6.75 19.18 -22.85
CA GLU D 238 5.86 19.03 -24.00
C GLU D 238 5.31 17.59 -24.08
N CYS D 239 6.14 16.62 -23.71
CA CYS D 239 5.70 15.22 -23.69
C CYS D 239 4.72 15.10 -22.53
N ASN D 240 5.08 15.76 -21.42
CA ASN D 240 4.28 15.75 -20.21
C ASN D 240 2.90 16.37 -20.29
N LYS D 241 2.74 17.35 -21.17
CA LYS D 241 1.41 17.96 -21.33
C LYS D 241 0.54 16.95 -22.08
N VAL D 242 1.17 16.20 -22.98
CA VAL D 242 0.46 15.20 -23.76
C VAL D 242 0.07 14.05 -22.86
N ILE D 243 1.00 13.64 -22.01
CA ILE D 243 0.77 12.53 -21.08
C ILE D 243 -0.37 12.88 -20.11
N ASP D 244 -0.44 14.16 -19.70
CA ASP D 244 -1.50 14.65 -18.82
C ASP D 244 -2.87 14.32 -19.47
N LEU D 245 -3.05 14.74 -20.73
CA LEU D 245 -4.29 14.51 -21.47
C LEU D 245 -4.61 13.05 -21.65
N LEU D 246 -3.62 12.29 -22.14
CA LEU D 246 -3.78 10.86 -22.37
C LEU D 246 -4.16 10.18 -21.09
N ILE D 247 -3.61 10.65 -19.98
CA ILE D 247 -4.00 10.06 -18.72
C ILE D 247 -5.50 10.41 -18.46
N LYS D 248 -5.97 11.59 -18.86
CA LYS D 248 -7.40 11.88 -18.68
C LYS D 248 -8.25 11.00 -19.61
N THR D 249 -7.84 10.89 -20.86
CA THR D 249 -8.57 10.12 -21.87
C THR D 249 -8.42 8.60 -21.87
N GLY D 250 -7.26 8.11 -21.46
CA GLY D 250 -6.94 6.69 -21.53
C GLY D 250 -5.79 6.66 -22.52
N VAL D 251 -4.60 6.29 -22.04
CA VAL D 251 -3.42 6.29 -22.89
C VAL D 251 -3.50 5.48 -24.17
N PHE D 252 -3.84 4.19 -24.08
CA PHE D 252 -3.92 3.33 -25.27
C PHE D 252 -4.92 3.88 -26.28
N ARG D 253 -6.14 4.11 -25.80
CA ARG D 253 -7.24 4.60 -26.61
C ARG D 253 -6.99 6.01 -27.12
N GLY D 254 -6.43 6.86 -26.26
CA GLY D 254 -6.12 8.25 -26.62
C GLY D 254 -5.02 8.30 -27.68
N LEU D 255 -4.03 7.41 -27.58
CA LEU D 255 -2.92 7.33 -28.53
C LEU D 255 -3.45 6.77 -29.83
N LYS D 256 -4.36 5.81 -29.76
CA LYS D 256 -4.94 5.25 -30.97
C LYS D 256 -5.80 6.31 -31.63
N THR D 257 -6.54 7.09 -30.85
CA THR D 257 -7.41 8.14 -31.38
C THR D 257 -6.61 9.20 -32.15
N VAL D 258 -5.51 9.66 -31.54
CA VAL D 258 -4.61 10.62 -32.20
C VAL D 258 -4.08 9.99 -33.51
N LEU D 259 -3.68 8.72 -33.43
CA LEU D 259 -3.16 7.98 -34.56
C LEU D 259 -4.20 7.90 -35.67
N HIS D 260 -5.46 7.78 -35.27
CA HIS D 260 -6.54 7.75 -36.25
C HIS D 260 -6.57 9.11 -36.98
N TYR D 261 -6.31 10.18 -36.22
CA TYR D 261 -6.28 11.52 -36.76
C TYR D 261 -5.08 11.79 -37.65
N MET D 262 -4.06 10.96 -37.53
CA MET D 262 -2.89 11.10 -38.37
C MET D 262 -3.04 10.14 -39.53
N ASP D 263 -4.24 9.57 -39.65
CA ASP D 263 -4.59 8.62 -40.71
C ASP D 263 -3.89 7.28 -40.58
N VAL D 264 -3.25 7.03 -39.44
CA VAL D 264 -2.55 5.76 -39.24
C VAL D 264 -3.50 4.60 -38.85
N VAL D 265 -4.42 4.86 -37.95
CA VAL D 265 -5.31 3.81 -37.46
C VAL D 265 -6.77 4.01 -37.89
N SER D 266 -7.39 2.97 -38.41
CA SER D 266 -8.78 3.02 -38.87
C SER D 266 -9.80 3.15 -37.76
N VAL D 267 -9.78 2.23 -36.81
CA VAL D 267 -10.70 2.28 -35.65
C VAL D 267 -9.82 2.37 -34.40
N PRO D 268 -9.90 3.49 -33.66
CA PRO D 268 -9.14 3.76 -32.43
C PRO D 268 -9.66 3.10 -31.17
N LEU D 269 -10.29 1.95 -31.33
CA LEU D 269 -10.85 1.24 -30.21
C LEU D 269 -9.90 0.27 -29.56
N CYS D 270 -10.15 -0.01 -28.29
CA CYS D 270 -9.38 -0.98 -27.53
C CYS D 270 -10.39 -2.08 -27.28
N ARG D 271 -9.90 -3.23 -26.85
CA ARG D 271 -10.76 -4.36 -26.58
C ARG D 271 -11.43 -4.21 -25.21
N LYS D 272 -12.63 -4.77 -25.11
CA LYS D 272 -13.38 -4.71 -23.87
C LYS D 272 -12.63 -5.55 -22.82
N PRO D 273 -12.72 -5.18 -21.52
CA PRO D 273 -13.43 -4.07 -20.85
C PRO D 273 -13.09 -2.61 -21.14
N PHE D 274 -12.06 -2.29 -21.92
CA PHE D 274 -11.80 -0.88 -22.17
C PHE D 274 -13.00 -0.29 -22.90
N GLY D 275 -13.32 0.97 -22.59
CA GLY D 275 -14.43 1.63 -23.22
C GLY D 275 -13.83 2.63 -24.18
N PRO D 276 -14.67 3.33 -24.96
CA PRO D 276 -14.10 4.30 -25.89
C PRO D 276 -13.82 5.59 -25.18
N VAL D 277 -13.10 6.47 -25.88
CA VAL D 277 -12.77 7.77 -25.36
C VAL D 277 -14.07 8.59 -25.22
N ASP D 278 -14.08 9.47 -24.23
CA ASP D 278 -15.21 10.34 -23.96
C ASP D 278 -15.19 11.39 -25.08
N GLU D 279 -16.33 11.53 -25.75
CA GLU D 279 -16.49 12.49 -26.85
C GLU D 279 -16.01 13.89 -26.48
N LYS D 280 -16.14 14.24 -25.20
CA LYS D 280 -15.74 15.57 -24.74
C LYS D 280 -14.23 15.81 -24.93
N TYR D 281 -13.46 14.72 -24.97
CA TYR D 281 -12.00 14.76 -25.13
C TYR D 281 -11.51 14.83 -26.57
N LEU D 282 -12.43 14.60 -27.52
CA LEU D 282 -12.06 14.59 -28.92
C LEU D 282 -11.44 15.89 -29.47
N PRO D 283 -11.94 17.09 -29.07
CA PRO D 283 -11.33 18.35 -29.58
C PRO D 283 -9.84 18.50 -29.21
N GLU D 284 -9.48 18.12 -27.99
CA GLU D 284 -8.09 18.19 -27.57
C GLU D 284 -7.24 17.16 -28.31
N LEU D 285 -7.77 15.98 -28.54
CA LEU D 285 -7.01 14.93 -29.21
C LEU D 285 -6.80 15.26 -30.69
N LYS D 286 -7.85 15.80 -31.28
CA LYS D 286 -7.84 16.21 -32.68
C LYS D 286 -6.83 17.31 -32.79
N ALA D 287 -6.98 18.32 -31.95
CA ALA D 287 -6.04 19.42 -31.97
C ALA D 287 -4.60 18.87 -31.84
N LEU D 288 -4.36 18.02 -30.84
CA LEU D 288 -3.03 17.45 -30.61
C LEU D 288 -2.47 16.74 -31.86
N ALA D 289 -3.33 15.96 -32.52
CA ALA D 289 -2.94 15.24 -33.72
C ALA D 289 -2.46 16.23 -34.76
N GLN D 290 -3.18 17.34 -34.84
CA GLN D 290 -2.86 18.38 -35.79
C GLN D 290 -1.52 19.02 -35.54
N GLN D 291 -1.26 19.40 -34.30
CA GLN D 291 0.02 20.03 -34.01
C GLN D 291 1.14 19.05 -34.18
N LEU D 292 0.98 17.83 -33.69
CA LEU D 292 2.03 16.84 -33.87
C LEU D 292 2.29 16.64 -35.38
N MET D 293 1.25 16.79 -36.20
CA MET D 293 1.40 16.72 -37.64
C MET D 293 2.01 18.10 -38.01
N GLN D 294 3.31 18.26 -37.78
CA GLN D 294 4.10 19.46 -38.08
C GLN D 294 5.33 19.67 -37.16
C1 3PY E . -11.82 -19.06 -6.17
O1 3PY E . -11.06 -20.03 -6.09
O2 3PY E . -11.72 -18.70 -7.37
C2 3PY E . -12.59 -18.70 -4.89
C3 3PY E . -11.95 -18.43 -3.50
O4 3PY E . -11.05 -17.62 -3.76
C1 3PY F . 13.57 17.67 7.01
O1 3PY F . 14.54 17.38 7.76
O2 3PY F . 12.42 17.94 7.45
C2 3PY F . 13.78 17.72 5.45
C3 3PY F . 13.91 16.30 4.81
O4 3PY F . 13.17 15.31 4.89
C1 3PY G . -6.98 3.89 21.77
O1 3PY G . -7.67 4.93 21.83
O2 3PY G . -5.80 4.29 21.93
C2 3PY G . -7.66 2.52 21.55
C3 3PY G . -8.14 2.43 20.07
O4 3PY G . -7.73 2.77 18.96
C1 3PY H . 5.22 -2.30 -22.45
O1 3PY H . 4.31 -1.74 -23.08
O2 3PY H . 5.12 -3.52 -22.16
C2 3PY H . 6.32 -1.29 -22.19
C3 3PY H . 6.07 0.06 -21.53
O4 3PY H . 5.70 -0.14 -20.35
#